data_8A5B
#
_entry.id   8A5B
#
_cell.length_a   57.240
_cell.length_b   62.200
_cell.length_c   67.240
_cell.angle_alpha   105.349
_cell.angle_beta   93.245
_cell.angle_gamma   115.807
#
_symmetry.space_group_name_H-M   'P 1'
#
loop_
_entity.id
_entity.type
_entity.pdbx_description
1 polymer 'Cathepsin L'
2 polymer 'Calpain Inhibitor I'
3 non-polymer 'TRIETHYLENE GLYCOL'
4 non-polymer 'SODIUM ION'
5 non-polymer DI(HYDROXYETHYL)ETHER
6 water water
#
loop_
_entity_poly.entity_id
_entity_poly.type
_entity_poly.pdbx_seq_one_letter_code
_entity_poly.pdbx_strand_id
1 'polypeptide(L)'
;APRSVDWREKGYVTPVKNQGQCGSCWAFSATGALEGQMFRKTGRLISLSEQNLVDCSGPQGNEGCNGGLMDYAFQYVQDN
GGLDSEESYPYEATEESCKYNPKYSVANDAGFVDIPKQEKALMKAVATVGPISVAIDAGHESFLFYKEGIYFEPDCSSED
MDHGVLVVGYGFESTESDNNKYWLVKNSWGEEWGMGGYVKMAKDRRNHCGIASAASYPTV
;
A,B,C,D
2 'polypeptide(L)' (ACE)LL(2DO) E,F,G,H
#
loop_
_chem_comp.id
_chem_comp.type
_chem_comp.name
_chem_comp.formula
ACE non-polymer 'ACETYL GROUP' 'C2 H4 O'
NA non-polymer 'SODIUM ION' 'Na 1'
PEG non-polymer DI(HYDROXYETHYL)ETHER 'C4 H10 O3'
PGE non-polymer 'TRIETHYLENE GLYCOL' 'C6 H14 O4'
#
# COMPACT_ATOMS: atom_id res chain seq x y z
N ALA A 1 16.98 -12.33 8.19
CA ALA A 1 15.60 -11.99 8.62
C ALA A 1 14.69 -11.80 7.40
N PRO A 2 13.38 -11.97 7.56
CA PRO A 2 12.47 -11.63 6.47
C PRO A 2 12.55 -10.16 6.13
N ARG A 3 12.14 -9.83 4.91
CA ARG A 3 12.04 -8.43 4.51
C ARG A 3 10.76 -7.80 5.02
N SER A 4 9.71 -8.59 5.26
CA SER A 4 8.44 -8.08 5.76
C SER A 4 7.94 -8.99 6.87
N VAL A 5 7.40 -8.37 7.93
CA VAL A 5 6.85 -9.03 9.12
C VAL A 5 5.60 -8.24 9.55
N ASP A 6 4.49 -8.94 9.83
CA ASP A 6 3.28 -8.33 10.35
C ASP A 6 2.61 -9.29 11.35
N TRP A 7 2.88 -9.07 12.64
CA TRP A 7 2.39 -10.00 13.66
C TRP A 7 0.87 -9.94 13.84
N ARG A 8 0.22 -8.90 13.31
CA ARG A 8 -1.23 -8.92 13.38
C ARG A 8 -1.80 -10.11 12.62
N GLU A 9 -1.12 -10.51 11.54
CA GLU A 9 -1.57 -11.66 10.75
C GLU A 9 -1.44 -12.97 11.50
N LYS A 10 -0.60 -13.04 12.54
CA LYS A 10 -0.44 -14.26 13.32
C LYS A 10 -1.26 -14.26 14.59
N GLY A 11 -2.10 -13.25 14.81
CA GLY A 11 -2.99 -13.20 15.96
C GLY A 11 -2.39 -12.64 17.23
N TYR A 12 -1.28 -11.93 17.14
CA TYR A 12 -0.54 -11.46 18.30
C TYR A 12 -1.06 -10.13 18.87
N VAL A 13 -2.02 -9.48 18.22
CA VAL A 13 -2.24 -8.05 18.39
C VAL A 13 -3.72 -7.75 18.61
N THR A 14 -4.05 -7.10 19.74
CA THR A 14 -5.40 -6.64 20.02
C THR A 14 -5.72 -5.43 19.16
N PRO A 15 -6.99 -5.03 19.08
CA PRO A 15 -7.34 -3.82 18.31
C PRO A 15 -6.73 -2.57 18.95
N VAL A 16 -6.72 -1.48 18.18
CA VAL A 16 -6.17 -0.23 18.66
C VAL A 16 -7.02 0.32 19.79
N LYS A 17 -6.35 0.80 20.83
CA LYS A 17 -6.98 1.40 22.00
C LYS A 17 -6.79 2.91 21.95
N ASN A 18 -7.33 3.59 22.95
CA ASN A 18 -7.28 5.04 23.02
C ASN A 18 -7.06 5.42 24.46
N GLN A 19 -5.87 5.95 24.75
CA GLN A 19 -5.47 6.36 26.07
C GLN A 19 -6.17 7.63 26.55
N GLY A 20 -6.90 8.32 25.67
CA GLY A 20 -7.49 9.58 26.08
C GLY A 20 -6.43 10.61 26.39
N GLN A 21 -6.74 11.50 27.35
CA GLN A 21 -5.91 12.63 27.73
C GLN A 21 -5.12 12.36 29.01
N CYS A 22 -4.51 11.20 29.07
CA CYS A 22 -3.74 10.72 30.20
C CYS A 22 -2.40 10.29 29.61
N GLY A 23 -1.31 10.65 30.27
CA GLY A 23 0.03 10.30 29.84
C GLY A 23 0.41 8.86 30.10
N SER A 24 -0.43 7.93 29.65
CA SER A 24 -0.27 6.51 29.97
C SER A 24 0.12 5.70 28.74
N CYS A 25 0.71 6.34 27.73
CA CYS A 25 1.16 5.59 26.54
C CYS A 25 1.99 4.39 26.93
N TRP A 26 2.84 4.53 27.94
CA TRP A 26 3.72 3.45 28.39
C TRP A 26 2.93 2.22 28.81
N ALA A 27 1.74 2.41 29.39
CA ALA A 27 0.91 1.29 29.81
C ALA A 27 0.34 0.56 28.60
N PHE A 28 0.00 1.29 27.52
CA PHE A 28 -0.55 0.68 26.31
C PHE A 28 0.54 -0.06 25.54
N SER A 29 1.72 0.54 25.41
CA SER A 29 2.82 -0.20 24.81
C SER A 29 3.10 -1.49 25.57
N ALA A 30 3.15 -1.40 26.91
CA ALA A 30 3.46 -2.57 27.72
C ALA A 30 2.41 -3.65 27.55
N THR A 31 1.13 -3.29 27.68
CA THR A 31 0.08 -4.30 27.50
C THR A 31 0.18 -4.88 26.10
N GLY A 32 0.49 -4.04 25.11
CA GLY A 32 0.64 -4.54 23.75
C GLY A 32 1.70 -5.62 23.65
N ALA A 33 2.86 -5.38 24.25
CA ALA A 33 3.93 -6.39 24.17
C ALA A 33 3.59 -7.64 24.98
N LEU A 34 2.96 -7.49 26.15
CA LEU A 34 2.62 -8.65 26.96
C LEU A 34 1.49 -9.45 26.33
N GLU A 35 0.52 -8.76 25.71
CA GLU A 35 -0.52 -9.43 24.94
C GLU A 35 0.11 -10.32 23.87
N GLY A 36 1.21 -9.87 23.27
CA GLY A 36 1.86 -10.64 22.22
C GLY A 36 2.59 -11.85 22.75
N GLN A 37 3.36 -11.68 23.83
CA GLN A 37 4.12 -12.79 24.41
C GLN A 37 3.21 -13.78 25.15
N MET A 38 2.09 -13.32 25.69
CA MET A 38 1.12 -14.24 26.25
C MET A 38 0.48 -15.08 25.14
N PHE A 39 0.10 -14.45 24.04
CA PHE A 39 -0.47 -15.20 22.93
C PHE A 39 0.52 -16.24 22.44
N ARG A 40 1.74 -15.81 22.20
CA ARG A 40 2.78 -16.74 21.79
C ARG A 40 2.81 -17.96 22.68
N LYS A 41 2.65 -17.78 23.99
CA LYS A 41 2.77 -18.92 24.91
C LYS A 41 1.52 -19.76 24.93
N THR A 42 0.37 -19.13 25.12
CA THR A 42 -0.89 -19.84 25.35
C THR A 42 -1.72 -20.00 24.10
N GLY A 43 -1.47 -19.20 23.07
CA GLY A 43 -2.35 -19.17 21.93
C GLY A 43 -3.66 -18.48 22.17
N ARG A 44 -3.80 -17.74 23.28
N ARG A 44 -3.78 -17.72 23.26
CA ARG A 44 -5.00 -16.98 23.56
CA ARG A 44 -4.98 -16.97 23.59
C ARG A 44 -4.64 -15.50 23.66
C ARG A 44 -4.63 -15.49 23.67
N LEU A 45 -5.36 -14.67 22.92
CA LEU A 45 -5.17 -13.23 22.91
C LEU A 45 -6.20 -12.62 23.86
N ILE A 46 -5.71 -12.03 24.96
CA ILE A 46 -6.56 -11.37 25.95
C ILE A 46 -6.09 -9.93 26.15
N SER A 47 -7.00 -8.98 25.95
CA SER A 47 -6.70 -7.58 26.19
C SER A 47 -6.42 -7.34 27.68
N LEU A 48 -5.32 -6.66 27.94
CA LEU A 48 -4.86 -6.43 29.31
C LEU A 48 -5.13 -5.00 29.78
N SER A 49 -5.13 -4.84 31.11
CA SER A 49 -5.62 -3.62 31.74
C SER A 49 -4.47 -2.62 31.86
N GLU A 50 -4.53 -1.54 31.07
CA GLU A 50 -3.64 -0.42 31.30
C GLU A 50 -3.93 0.28 32.63
N GLN A 51 -5.19 0.33 33.05
CA GLN A 51 -5.51 1.01 34.28
C GLN A 51 -4.83 0.34 35.45
N ASN A 52 -4.78 -1.00 35.42
CA ASN A 52 -4.03 -1.78 36.41
C ASN A 52 -2.60 -1.28 36.52
N LEU A 53 -1.92 -1.12 35.39
CA LEU A 53 -0.57 -0.57 35.41
C LEU A 53 -0.56 0.86 35.92
N VAL A 54 -1.49 1.69 35.43
CA VAL A 54 -1.52 3.11 35.81
C VAL A 54 -1.73 3.25 37.31
N ASP A 55 -2.66 2.48 37.87
CA ASP A 55 -2.99 2.63 39.28
C ASP A 55 -1.94 2.01 40.19
N CYS A 56 -1.22 0.99 39.73
CA CYS A 56 -0.53 0.08 40.64
C CYS A 56 0.98 -0.06 40.48
N SER A 57 1.58 0.36 39.36
CA SER A 57 3.00 0.09 39.14
C SER A 57 3.89 1.27 39.53
N GLY A 58 3.39 2.17 40.41
CA GLY A 58 4.21 3.19 41.01
C GLY A 58 5.42 2.70 41.74
N PRO A 59 5.35 1.58 42.49
CA PRO A 59 6.54 1.08 43.17
C PRO A 59 7.64 0.65 42.22
N GLN A 60 7.30 0.28 40.99
CA GLN A 60 8.31 -0.05 39.99
C GLN A 60 8.89 1.15 39.26
N GLY A 61 8.45 2.36 39.59
CA GLY A 61 9.01 3.56 39.02
C GLY A 61 8.06 4.34 38.16
N ASN A 62 6.86 3.82 37.89
CA ASN A 62 5.92 4.50 37.03
C ASN A 62 5.15 5.56 37.78
N GLU A 63 4.67 6.55 37.05
CA GLU A 63 3.98 7.68 37.65
C GLU A 63 2.65 7.93 36.99
N GLY A 64 1.94 6.86 36.65
CA GLY A 64 0.54 7.02 36.28
C GLY A 64 0.32 7.81 35.01
N CYS A 65 -0.63 8.76 35.08
CA CYS A 65 -0.87 9.62 33.94
C CYS A 65 0.23 10.65 33.74
N ASN A 66 1.18 10.73 34.66
CA ASN A 66 2.35 11.59 34.53
C ASN A 66 3.53 10.92 33.85
N GLY A 67 3.38 9.67 33.45
CA GLY A 67 4.39 9.00 32.65
C GLY A 67 4.85 7.71 33.29
N GLY A 68 5.63 6.96 32.52
CA GLY A 68 6.11 5.68 32.95
C GLY A 68 7.00 5.06 31.89
N LEU A 69 7.36 3.81 32.13
CA LEU A 69 8.20 3.07 31.21
C LEU A 69 7.69 1.64 31.10
N MET A 70 7.80 1.10 29.90
CA MET A 70 7.34 -0.27 29.68
C MET A 70 8.11 -1.25 30.55
N ASP A 71 9.43 -1.06 30.68
CA ASP A 71 10.20 -2.03 31.47
C ASP A 71 9.72 -2.04 32.92
N TYR A 72 9.33 -0.89 33.44
CA TYR A 72 8.80 -0.83 34.79
C TYR A 72 7.47 -1.57 34.92
N ALA A 73 6.62 -1.47 33.89
CA ALA A 73 5.39 -2.26 33.84
C ALA A 73 5.70 -3.75 33.79
N PHE A 74 6.67 -4.16 32.98
CA PHE A 74 7.03 -5.56 32.93
C PHE A 74 7.47 -6.04 34.29
N GLN A 75 8.27 -5.22 35.00
CA GLN A 75 8.70 -5.58 36.35
C GLN A 75 7.52 -5.67 37.33
N TYR A 76 6.59 -4.72 37.26
CA TYR A 76 5.39 -4.81 38.10
C TYR A 76 4.69 -6.14 37.92
N VAL A 77 4.49 -6.55 36.66
CA VAL A 77 3.73 -7.77 36.43
C VAL A 77 4.45 -8.96 37.06
N GLN A 78 5.77 -9.00 36.97
CA GLN A 78 6.53 -10.07 37.62
C GLN A 78 6.44 -9.94 39.14
N ASP A 79 6.73 -8.75 39.67
CA ASP A 79 6.67 -8.55 41.12
C ASP A 79 5.29 -8.87 41.66
N ASN A 80 4.25 -8.42 40.94
CA ASN A 80 2.88 -8.51 41.41
C ASN A 80 2.35 -9.91 41.30
N GLY A 81 2.94 -10.74 40.44
CA GLY A 81 2.42 -12.06 40.17
C GLY A 81 1.21 -12.07 39.28
N GLY A 82 0.99 -11.03 38.48
CA GLY A 82 -0.18 -11.03 37.63
C GLY A 82 -0.57 -9.65 37.14
N LEU A 83 -1.49 -9.65 36.20
CA LEU A 83 -2.05 -8.42 35.63
C LEU A 83 -3.49 -8.73 35.25
N ASP A 84 -4.40 -7.82 35.58
CA ASP A 84 -5.81 -8.08 35.33
C ASP A 84 -6.15 -7.85 33.87
N SER A 85 -7.24 -8.46 33.43
CA SER A 85 -7.74 -8.28 32.08
C SER A 85 -8.32 -6.89 31.90
N GLU A 86 -8.33 -6.43 30.65
CA GLU A 86 -8.97 -5.16 30.32
C GLU A 86 -10.45 -5.16 30.70
N GLU A 87 -11.12 -6.28 30.45
CA GLU A 87 -12.54 -6.37 30.75
C GLU A 87 -12.80 -6.24 32.25
N SER A 88 -11.92 -6.81 33.07
CA SER A 88 -12.14 -6.81 34.52
C SER A 88 -11.72 -5.50 35.18
N TYR A 89 -10.83 -4.75 34.56
CA TYR A 89 -10.21 -3.58 35.15
C TYR A 89 -10.15 -2.54 34.03
N PRO A 90 -11.31 -2.02 33.61
CA PRO A 90 -11.36 -1.20 32.40
C PRO A 90 -10.70 0.16 32.56
N TYR A 91 -10.41 0.77 31.42
CA TYR A 91 -9.59 1.97 31.36
C TYR A 91 -10.42 3.21 31.60
N GLU A 92 -10.00 4.02 32.57
CA GLU A 92 -10.72 5.24 32.94
C GLU A 92 -9.95 6.51 32.62
N ALA A 93 -8.68 6.41 32.21
CA ALA A 93 -7.85 7.55 31.78
C ALA A 93 -7.67 8.58 32.90
N THR A 94 -7.67 8.13 34.15
CA THR A 94 -7.26 8.98 35.27
C THR A 94 -6.59 8.05 36.27
N GLU A 95 -5.61 8.58 37.00
CA GLU A 95 -4.94 7.78 38.01
C GLU A 95 -5.84 7.67 39.24
N GLU A 96 -5.94 6.44 39.78
CA GLU A 96 -6.73 6.15 40.97
C GLU A 96 -5.92 5.21 41.85
N SER A 97 -6.48 4.87 43.01
CA SER A 97 -5.88 3.87 43.87
C SER A 97 -5.92 2.50 43.18
N CYS A 98 -4.98 1.64 43.57
CA CYS A 98 -4.86 0.31 42.98
C CYS A 98 -6.01 -0.59 43.39
N LYS A 99 -6.66 -1.20 42.40
CA LYS A 99 -7.75 -2.15 42.62
C LYS A 99 -7.43 -3.50 41.99
N TYR A 100 -6.15 -3.82 41.83
CA TYR A 100 -5.75 -5.12 41.29
C TYR A 100 -6.38 -6.23 42.11
N ASN A 101 -6.84 -7.25 41.41
CA ASN A 101 -7.46 -8.42 42.03
C ASN A 101 -6.89 -9.68 41.40
N PRO A 102 -6.13 -10.49 42.14
CA PRO A 102 -5.44 -11.62 41.49
C PRO A 102 -6.37 -12.62 40.88
N LYS A 103 -7.62 -12.71 41.34
CA LYS A 103 -8.54 -13.70 40.77
C LYS A 103 -8.82 -13.40 39.31
N TYR A 104 -8.66 -12.15 38.89
CA TYR A 104 -8.90 -11.76 37.51
C TYR A 104 -7.62 -11.56 36.73
N SER A 105 -6.48 -11.97 37.29
CA SER A 105 -5.24 -11.94 36.53
C SER A 105 -5.38 -12.86 35.33
N VAL A 106 -4.89 -12.41 34.16
CA VAL A 106 -4.90 -13.27 32.98
C VAL A 106 -3.53 -13.31 32.30
N ALA A 107 -2.53 -12.70 32.93
CA ALA A 107 -1.20 -12.60 32.35
C ALA A 107 -0.15 -12.59 33.44
N ASN A 108 1.08 -12.93 33.03
CA ASN A 108 2.25 -12.97 33.88
C ASN A 108 3.48 -12.72 33.04
N ASP A 109 4.58 -12.36 33.68
CA ASP A 109 5.87 -12.46 32.99
C ASP A 109 6.98 -12.64 34.02
N ALA A 110 8.13 -13.07 33.51
CA ALA A 110 9.28 -13.40 34.36
C ALA A 110 10.44 -12.46 34.08
N GLY A 111 10.10 -11.19 33.80
CA GLY A 111 11.07 -10.18 33.50
C GLY A 111 10.89 -9.64 32.08
N PHE A 112 11.98 -9.15 31.53
CA PHE A 112 11.94 -8.50 30.23
C PHE A 112 13.34 -8.54 29.64
N VAL A 113 13.41 -8.23 28.34
CA VAL A 113 14.66 -8.22 27.60
C VAL A 113 14.76 -6.87 26.94
N ASP A 114 15.90 -6.21 27.13
CA ASP A 114 16.20 -4.94 26.50
C ASP A 114 16.99 -5.24 25.24
N ILE A 115 16.58 -4.62 24.14
CA ILE A 115 17.19 -4.90 22.84
C ILE A 115 18.33 -3.91 22.65
N PRO A 116 19.47 -4.36 22.12
CA PRO A 116 20.55 -3.43 21.81
C PRO A 116 20.05 -2.30 20.92
N LYS A 117 20.61 -1.11 21.13
CA LYS A 117 20.18 0.13 20.51
C LYS A 117 20.56 0.22 19.04
N GLN A 118 20.07 -0.72 18.25
CA GLN A 118 20.39 -0.75 16.83
C GLN A 118 19.16 -1.27 16.10
N GLU A 119 18.84 -0.59 15.01
CA GLU A 119 17.72 -1.03 14.19
C GLU A 119 17.94 -2.44 13.66
N LYS A 120 19.19 -2.83 13.39
CA LYS A 120 19.42 -4.22 12.99
C LYS A 120 18.96 -5.20 14.06
N ALA A 121 19.28 -4.92 15.32
CA ALA A 121 18.89 -5.80 16.41
C ALA A 121 17.39 -5.74 16.65
N LEU A 122 16.81 -4.54 16.55
CA LEU A 122 15.36 -4.40 16.66
C LEU A 122 14.68 -5.25 15.59
N MET A 123 15.18 -5.20 14.35
CA MET A 123 14.61 -6.03 13.30
C MET A 123 14.68 -7.51 13.66
N LYS A 124 15.84 -7.98 14.13
CA LYS A 124 15.96 -9.39 14.50
C LYS A 124 14.98 -9.75 15.63
N ALA A 125 14.77 -8.84 16.57
CA ALA A 125 13.83 -9.10 17.65
C ALA A 125 12.41 -9.20 17.13
N VAL A 126 12.01 -8.24 16.30
CA VAL A 126 10.64 -8.24 15.79
C VAL A 126 10.40 -9.51 14.98
N ALA A 127 11.40 -9.94 14.22
CA ALA A 127 11.25 -11.10 13.36
C ALA A 127 11.09 -12.39 14.16
N THR A 128 11.72 -12.48 15.32
CA THR A 128 11.76 -13.75 16.06
C THR A 128 10.94 -13.79 17.34
N VAL A 129 10.60 -12.65 17.92
CA VAL A 129 9.88 -12.60 19.20
C VAL A 129 8.41 -12.31 19.01
N GLY A 130 8.08 -11.29 18.23
CA GLY A 130 6.75 -10.76 18.22
C GLY A 130 6.78 -9.27 18.47
N PRO A 131 5.61 -8.70 18.76
CA PRO A 131 5.52 -7.24 18.97
C PRO A 131 6.50 -6.78 20.04
N ILE A 132 7.17 -5.65 19.76
CA ILE A 132 8.19 -5.09 20.64
C ILE A 132 7.79 -3.71 21.15
N SER A 133 7.92 -3.50 22.47
CA SER A 133 7.69 -2.18 23.03
C SER A 133 8.84 -1.25 22.69
N VAL A 134 8.52 -0.04 22.25
CA VAL A 134 9.55 0.92 21.85
C VAL A 134 9.12 2.32 22.26
N ALA A 135 10.12 3.19 22.41
CA ALA A 135 9.89 4.60 22.72
C ALA A 135 10.23 5.44 21.49
N ILE A 136 9.38 6.43 21.19
CA ILE A 136 9.62 7.34 20.07
C ILE A 136 9.39 8.80 20.46
N ASP A 137 10.00 9.69 19.67
CA ASP A 137 9.72 11.11 19.71
C ASP A 137 8.48 11.38 18.85
N ALA A 138 7.31 11.44 19.49
CA ALA A 138 6.04 11.75 18.83
C ALA A 138 5.66 13.23 18.96
N GLY A 139 6.55 14.06 19.47
CA GLY A 139 6.21 15.45 19.73
C GLY A 139 6.33 16.41 18.56
N HIS A 140 5.54 16.18 17.52
CA HIS A 140 5.59 16.99 16.31
C HIS A 140 4.20 17.00 15.68
N GLU A 141 3.84 18.15 15.12
CA GLU A 141 2.53 18.30 14.52
C GLU A 141 2.34 17.28 13.40
N SER A 142 3.42 17.00 12.66
CA SER A 142 3.38 16.01 11.60
C SER A 142 2.88 14.66 12.11
N PHE A 143 3.26 14.30 13.34
CA PHE A 143 2.79 13.04 13.93
C PHE A 143 1.29 13.08 14.22
N LEU A 144 0.79 14.24 14.67
CA LEU A 144 -0.64 14.37 14.95
C LEU A 144 -1.50 14.16 13.71
N PHE A 145 -1.09 14.72 12.58
CA PHE A 145 -1.89 14.72 11.36
C PHE A 145 -1.55 13.57 10.42
N TYR A 146 -0.69 12.66 10.82
CA TYR A 146 -0.35 11.54 9.96
C TYR A 146 -1.59 10.80 9.44
N LYS A 147 -1.57 10.48 8.17
CA LYS A 147 -2.70 9.79 7.56
CA LYS A 147 -2.70 9.79 7.55
C LYS A 147 -2.30 8.48 6.90
N GLU A 148 -1.13 8.44 6.27
CA GLU A 148 -0.69 7.28 5.51
C GLU A 148 0.76 7.48 5.08
N GLY A 149 1.32 6.45 4.48
CA GLY A 149 2.67 6.53 3.99
C GLY A 149 3.69 6.34 5.10
N ILE A 150 4.94 6.53 4.72
CA ILE A 150 6.03 6.32 5.65
C ILE A 150 6.30 7.64 6.35
N TYR A 151 6.14 7.65 7.65
CA TYR A 151 6.33 8.87 8.45
C TYR A 151 7.81 9.19 8.56
N PHE A 152 8.21 10.39 8.13
CA PHE A 152 9.59 10.83 8.33
C PHE A 152 9.59 12.31 8.70
N GLU A 153 10.21 12.64 9.82
CA GLU A 153 10.16 13.97 10.44
C GLU A 153 11.61 14.38 10.62
N PRO A 154 12.13 15.36 9.85
CA PRO A 154 13.56 15.69 9.97
C PRO A 154 13.96 16.25 11.32
N ASP A 155 13.03 16.83 12.06
CA ASP A 155 13.34 17.35 13.39
C ASP A 155 13.17 16.30 14.48
N CYS A 156 12.90 15.05 14.10
CA CYS A 156 12.71 14.00 15.09
C CYS A 156 14.04 13.66 15.76
N SER A 157 14.01 13.50 17.08
CA SER A 157 15.20 13.19 17.84
C SER A 157 15.34 11.69 18.05
N SER A 158 16.59 11.23 18.06
N SER A 158 16.58 11.23 18.07
CA SER A 158 16.90 9.82 18.32
CA SER A 158 16.90 9.83 18.33
C SER A 158 17.28 9.56 19.77
C SER A 158 17.28 9.57 19.78
N GLU A 159 17.14 10.56 20.65
CA GLU A 159 17.61 10.43 22.02
C GLU A 159 16.55 10.86 23.04
N ASP A 160 15.72 11.82 22.67
CA ASP A 160 14.70 12.37 23.56
C ASP A 160 13.34 11.86 23.10
N MET A 161 12.96 10.68 23.58
CA MET A 161 11.69 10.06 23.26
C MET A 161 10.68 10.39 24.35
N ASP A 162 9.40 10.48 23.96
CA ASP A 162 8.36 10.90 24.90
C ASP A 162 7.08 10.06 24.80
N HIS A 163 7.07 9.02 23.98
CA HIS A 163 5.84 8.30 23.69
C HIS A 163 6.19 6.83 23.49
N GLY A 164 5.51 5.96 24.26
CA GLY A 164 5.66 4.54 24.09
C GLY A 164 4.61 4.04 23.11
N VAL A 165 5.07 3.21 22.16
CA VAL A 165 4.21 2.53 21.18
C VAL A 165 4.70 1.10 20.99
N LEU A 166 4.15 0.40 19.99
CA LEU A 166 4.42 -1.02 19.82
C LEU A 166 4.72 -1.31 18.36
N VAL A 167 5.91 -1.85 18.11
CA VAL A 167 6.28 -2.30 16.78
C VAL A 167 5.68 -3.67 16.57
N VAL A 168 4.75 -3.80 15.62
CA VAL A 168 4.15 -5.09 15.36
C VAL A 168 4.69 -5.71 14.07
N GLY A 169 5.66 -5.07 13.43
CA GLY A 169 6.21 -5.60 12.21
C GLY A 169 7.04 -4.55 11.47
N TYR A 170 7.32 -4.86 10.20
CA TYR A 170 8.08 -3.96 9.35
C TYR A 170 7.93 -4.40 7.91
N GLY A 171 8.32 -3.51 7.00
CA GLY A 171 8.18 -3.82 5.59
C GLY A 171 8.76 -2.74 4.72
N PHE A 172 8.25 -2.68 3.50
CA PHE A 172 8.70 -1.71 2.53
C PHE A 172 7.57 -1.29 1.58
N GLU A 173 7.73 -0.08 1.05
CA GLU A 173 6.93 0.35 -0.08
C GLU A 173 7.74 1.38 -0.85
N SER A 174 7.57 1.37 -2.18
CA SER A 174 8.30 2.31 -3.03
C SER A 174 7.82 3.72 -2.76
N THR A 175 8.78 4.63 -2.68
CA THR A 175 8.50 6.03 -2.39
C THR A 175 9.28 6.92 -3.35
N GLU A 176 8.83 8.17 -3.42
CA GLU A 176 9.54 9.20 -4.19
C GLU A 176 11.02 9.24 -3.85
N SER A 177 11.35 9.18 -2.56
CA SER A 177 12.72 9.40 -2.13
C SER A 177 13.55 8.13 -2.11
N ASP A 178 12.92 6.98 -2.35
CA ASP A 178 13.58 5.67 -2.31
C ASP A 178 14.05 5.31 -0.90
N ASN A 179 13.49 5.97 0.09
CA ASN A 179 13.59 5.58 1.50
C ASN A 179 12.32 4.78 1.76
N ASN A 180 12.40 3.47 1.53
CA ASN A 180 11.23 2.63 1.33
C ASN A 180 10.90 1.71 2.51
N LYS A 181 11.74 1.62 3.53
CA LYS A 181 11.52 0.70 4.63
C LYS A 181 10.82 1.38 5.79
N TYR A 182 9.95 0.63 6.45
CA TYR A 182 9.22 1.16 7.59
C TYR A 182 9.05 0.13 8.70
N TRP A 183 9.02 0.63 9.94
CA TRP A 183 8.46 -0.13 11.05
C TRP A 183 6.96 0.10 11.09
N LEU A 184 6.22 -0.96 11.34
CA LEU A 184 4.76 -0.91 11.45
C LEU A 184 4.42 -0.79 12.94
N VAL A 185 3.83 0.33 13.31
CA VAL A 185 3.74 0.76 14.70
C VAL A 185 2.28 0.94 15.09
N LYS A 186 1.86 0.22 16.12
CA LYS A 186 0.56 0.43 16.74
C LYS A 186 0.62 1.58 17.75
N ASN A 187 -0.27 2.57 17.57
CA ASN A 187 -0.40 3.65 18.52
C ASN A 187 -1.56 3.39 19.49
N SER A 188 -1.75 4.29 20.44
CA SER A 188 -2.84 4.19 21.39
C SER A 188 -3.70 5.46 21.42
N TRP A 189 -3.92 6.08 20.26
CA TRP A 189 -4.74 7.28 20.14
C TRP A 189 -6.05 7.00 19.42
N GLY A 190 -6.49 5.75 19.40
CA GLY A 190 -7.73 5.39 18.74
C GLY A 190 -7.57 5.15 17.26
N GLU A 191 -8.66 4.67 16.68
CA GLU A 191 -8.65 4.24 15.30
C GLU A 191 -8.64 5.40 14.33
N GLU A 192 -9.13 6.55 14.76
CA GLU A 192 -9.28 7.71 13.87
C GLU A 192 -7.96 8.39 13.62
N TRP A 193 -6.93 8.12 14.43
CA TRP A 193 -5.62 8.67 14.18
C TRP A 193 -4.91 7.80 13.17
N GLY A 194 -4.12 8.42 12.30
CA GLY A 194 -3.28 7.61 11.40
C GLY A 194 -4.07 6.66 10.53
N MET A 195 -3.44 5.53 10.21
CA MET A 195 -4.02 4.52 9.35
C MET A 195 -4.71 3.50 10.24
N GLY A 196 -5.97 3.78 10.58
CA GLY A 196 -6.67 2.92 11.52
C GLY A 196 -5.97 2.78 12.85
N GLY A 197 -5.21 3.81 13.24
CA GLY A 197 -4.50 3.82 14.51
C GLY A 197 -3.04 3.39 14.43
N TYR A 198 -2.57 3.06 13.25
CA TYR A 198 -1.22 2.62 12.96
C TYR A 198 -0.45 3.68 12.19
N VAL A 199 0.85 3.59 12.30
CA VAL A 199 1.77 4.45 11.56
C VAL A 199 2.93 3.61 11.06
N LYS A 200 3.36 3.90 9.84
CA LYS A 200 4.57 3.35 9.24
C LYS A 200 5.69 4.33 9.47
N MET A 201 6.59 4.00 10.36
CA MET A 201 7.70 4.86 10.75
CA MET A 201 7.69 4.86 10.73
C MET A 201 8.96 4.49 9.97
N ALA A 202 9.66 5.52 9.49
CA ALA A 202 10.86 5.30 8.70
C ALA A 202 11.84 4.34 9.38
N LYS A 203 12.31 3.35 8.62
CA LYS A 203 13.15 2.28 9.14
C LYS A 203 14.51 2.30 8.44
N ASP A 204 15.57 2.09 9.22
CA ASP A 204 16.94 2.11 8.72
C ASP A 204 17.30 3.48 8.17
N ARG A 205 16.71 4.51 8.76
CA ARG A 205 17.14 5.89 8.56
C ARG A 205 17.73 6.49 9.82
N ARG A 206 18.84 5.92 10.30
CA ARG A 206 19.58 6.52 11.43
C ARG A 206 18.71 6.57 12.69
N ASN A 207 18.00 5.48 12.96
CA ASN A 207 17.20 5.36 14.17
C ASN A 207 16.19 6.51 14.27
N HIS A 208 15.40 6.64 13.22
CA HIS A 208 14.48 7.76 13.14
C HIS A 208 13.54 7.80 14.35
N CYS A 209 13.50 8.96 15.00
CA CYS A 209 12.67 9.23 16.18
C CYS A 209 12.99 8.33 17.38
N GLY A 210 14.14 7.69 17.37
CA GLY A 210 14.61 6.90 18.50
C GLY A 210 13.97 5.54 18.64
N ILE A 211 13.38 5.01 17.57
CA ILE A 211 12.58 3.80 17.66
C ILE A 211 13.39 2.61 18.20
N ALA A 212 14.70 2.59 17.99
CA ALA A 212 15.50 1.47 18.45
C ALA A 212 16.19 1.76 19.78
N SER A 213 15.95 2.93 20.38
CA SER A 213 16.77 3.37 21.50
C SER A 213 16.30 2.82 22.85
N ALA A 214 15.02 2.51 22.98
CA ALA A 214 14.49 1.94 24.22
C ALA A 214 13.48 0.85 23.91
N ALA A 215 13.95 -0.21 23.28
CA ALA A 215 13.07 -1.29 22.83
C ALA A 215 13.24 -2.47 23.77
N SER A 216 12.13 -3.13 24.08
CA SER A 216 12.17 -4.26 25.01
C SER A 216 10.92 -5.10 24.82
N TYR A 217 10.92 -6.27 25.45
CA TYR A 217 9.74 -7.11 25.48
C TYR A 217 9.73 -7.94 26.74
N PRO A 218 8.56 -8.37 27.21
CA PRO A 218 8.50 -9.16 28.43
C PRO A 218 8.86 -10.60 28.13
N THR A 219 9.44 -11.26 29.12
CA THR A 219 9.77 -12.67 29.03
C THR A 219 8.65 -13.46 29.71
N VAL A 220 8.00 -14.31 28.94
CA VAL A 220 6.86 -15.05 29.42
C VAL A 220 7.25 -16.52 29.38
N ALA B 1 -1.46 -9.92 -18.93
CA ALA B 1 -0.04 -10.26 -19.20
C ALA B 1 0.03 -11.46 -20.16
N PRO B 2 1.07 -11.52 -20.99
CA PRO B 2 1.24 -12.72 -21.84
C PRO B 2 1.47 -13.95 -20.99
N ARG B 3 1.27 -15.12 -21.61
CA ARG B 3 1.39 -16.37 -20.86
C ARG B 3 2.85 -16.74 -20.64
N SER B 4 3.76 -16.27 -21.50
CA SER B 4 5.18 -16.55 -21.35
C SER B 4 5.94 -15.34 -21.87
N VAL B 5 7.10 -15.07 -21.27
CA VAL B 5 7.94 -13.92 -21.55
C VAL B 5 9.39 -14.42 -21.52
N ASP B 6 10.21 -13.99 -22.47
CA ASP B 6 11.63 -14.27 -22.44
C ASP B 6 12.35 -13.06 -23.02
N TRP B 7 12.82 -12.18 -22.15
CA TRP B 7 13.50 -10.99 -22.59
C TRP B 7 14.80 -11.27 -23.33
N ARG B 8 15.35 -12.49 -23.24
CA ARG B 8 16.56 -12.72 -24.01
C ARG B 8 16.29 -12.59 -25.51
N GLU B 9 15.09 -12.96 -25.94
CA GLU B 9 14.77 -12.92 -27.34
C GLU B 9 14.54 -11.51 -27.84
N LYS B 10 14.38 -10.54 -26.95
CA LYS B 10 14.21 -9.15 -27.34
C LYS B 10 15.49 -8.34 -27.25
N GLY B 11 16.60 -8.94 -26.80
CA GLY B 11 17.88 -8.25 -26.76
C GLY B 11 18.18 -7.55 -25.46
N TYR B 12 17.46 -7.89 -24.39
CA TYR B 12 17.56 -7.23 -23.10
C TYR B 12 18.67 -7.82 -22.20
N VAL B 13 19.26 -8.96 -22.58
CA VAL B 13 20.01 -9.79 -21.64
C VAL B 13 21.39 -10.13 -22.20
N THR B 14 22.42 -9.86 -21.42
CA THR B 14 23.78 -10.23 -21.78
C THR B 14 24.00 -11.70 -21.50
N PRO B 15 25.10 -12.27 -21.99
CA PRO B 15 25.43 -13.68 -21.64
C PRO B 15 25.64 -13.89 -20.15
N VAL B 16 25.53 -15.16 -19.75
CA VAL B 16 25.79 -15.53 -18.36
C VAL B 16 27.22 -15.21 -17.98
N LYS B 17 27.37 -14.67 -16.80
CA LYS B 17 28.65 -14.28 -16.20
C LYS B 17 28.91 -15.19 -15.00
N ASN B 18 30.10 -15.05 -14.41
CA ASN B 18 30.52 -15.92 -13.31
C ASN B 18 31.14 -15.07 -12.22
N GLN B 19 30.47 -15.02 -11.08
CA GLN B 19 30.98 -14.21 -9.99
C GLN B 19 32.19 -14.81 -9.32
N GLY B 20 32.52 -16.05 -9.64
CA GLY B 20 33.66 -16.68 -8.96
C GLY B 20 33.33 -16.94 -7.49
N GLN B 21 34.38 -16.96 -6.67
CA GLN B 21 34.29 -17.20 -5.22
C GLN B 21 34.15 -15.91 -4.42
N CYS B 22 33.36 -14.98 -4.91
CA CYS B 22 33.16 -13.67 -4.32
C CYS B 22 31.66 -13.52 -4.09
N GLY B 23 31.27 -13.00 -2.92
CA GLY B 23 29.86 -12.90 -2.59
C GLY B 23 29.23 -11.69 -3.23
N SER B 24 29.32 -11.61 -4.57
CA SER B 24 28.92 -10.42 -5.33
C SER B 24 27.68 -10.66 -6.19
N CYS B 25 26.87 -11.65 -5.82
CA CYS B 25 25.65 -11.95 -6.59
C CYS B 25 24.78 -10.71 -6.75
N TRP B 26 24.77 -9.86 -5.72
CA TRP B 26 23.96 -8.64 -5.74
C TRP B 26 24.36 -7.70 -6.89
N ALA B 27 25.66 -7.66 -7.20
CA ALA B 27 26.17 -6.81 -8.27
C ALA B 27 25.80 -7.37 -9.65
N PHE B 28 25.83 -8.71 -9.80
CA PHE B 28 25.42 -9.32 -11.08
C PHE B 28 23.92 -9.14 -11.29
N SER B 29 23.13 -9.34 -10.23
CA SER B 29 21.70 -9.10 -10.34
C SER B 29 21.43 -7.66 -10.72
N ALA B 30 22.13 -6.73 -10.07
CA ALA B 30 21.89 -5.31 -10.35
C ALA B 30 22.32 -4.95 -11.76
N THR B 31 23.50 -5.41 -12.20
CA THR B 31 23.92 -5.09 -13.56
C THR B 31 22.97 -5.71 -14.58
N GLY B 32 22.45 -6.89 -14.30
CA GLY B 32 21.48 -7.51 -15.18
C GLY B 32 20.22 -6.66 -15.35
N ALA B 33 19.70 -6.14 -14.24
CA ALA B 33 18.46 -5.34 -14.35
C ALA B 33 18.74 -4.01 -15.02
N LEU B 34 19.88 -3.39 -14.71
CA LEU B 34 20.23 -2.14 -15.36
C LEU B 34 20.54 -2.35 -16.85
N GLU B 35 21.23 -3.44 -17.23
CA GLU B 35 21.43 -3.75 -18.63
C GLU B 35 20.11 -3.76 -19.36
N GLY B 36 19.09 -4.38 -18.75
CA GLY B 36 17.79 -4.46 -19.39
C GLY B 36 17.11 -3.11 -19.50
N GLN B 37 17.13 -2.30 -18.44
CA GLN B 37 16.46 -1.01 -18.48
C GLN B 37 17.19 -0.05 -19.41
N MET B 38 18.52 -0.11 -19.43
CA MET B 38 19.28 0.68 -20.37
C MET B 38 18.92 0.29 -21.78
N PHE B 39 18.75 -1.00 -22.01
CA PHE B 39 18.33 -1.45 -23.34
C PHE B 39 16.92 -0.95 -23.67
N ARG B 40 15.99 -1.06 -22.73
CA ARG B 40 14.64 -0.53 -22.94
C ARG B 40 14.68 0.93 -23.38
N LYS B 41 15.53 1.73 -22.78
CA LYS B 41 15.48 3.16 -22.97
C LYS B 41 16.34 3.64 -24.12
N THR B 42 17.37 2.88 -24.52
CA THR B 42 18.30 3.29 -25.54
C THR B 42 18.38 2.37 -26.75
N GLY B 43 17.90 1.13 -26.65
CA GLY B 43 18.08 0.23 -27.77
C GLY B 43 19.46 -0.39 -27.90
N ARG B 44 20.31 -0.21 -26.92
CA ARG B 44 21.66 -0.76 -26.95
C ARG B 44 21.86 -1.63 -25.72
N LEU B 45 22.42 -2.81 -25.93
CA LEU B 45 22.75 -3.75 -24.84
C LEU B 45 24.25 -3.65 -24.58
N ILE B 46 24.63 -3.14 -23.42
CA ILE B 46 26.03 -3.01 -23.07
C ILE B 46 26.24 -3.69 -21.74
N SER B 47 27.14 -4.65 -21.70
CA SER B 47 27.48 -5.34 -20.47
C SER B 47 28.12 -4.37 -19.49
N LEU B 48 27.67 -4.45 -18.23
CA LEU B 48 28.01 -3.45 -17.23
C LEU B 48 28.93 -4.07 -16.18
N SER B 49 29.60 -3.19 -15.43
CA SER B 49 30.74 -3.62 -14.63
C SER B 49 30.31 -3.95 -13.20
N GLU B 50 30.37 -5.25 -12.85
CA GLU B 50 30.10 -5.65 -11.49
C GLU B 50 31.25 -5.22 -10.58
N GLN B 51 32.47 -5.22 -11.11
CA GLN B 51 33.62 -4.77 -10.33
C GLN B 51 33.42 -3.32 -9.88
N ASN B 52 32.93 -2.46 -10.79
CA ASN B 52 32.58 -1.08 -10.41
C ASN B 52 31.72 -1.05 -9.15
N LEU B 53 30.67 -1.85 -9.12
CA LEU B 53 29.78 -1.87 -7.97
C LEU B 53 30.45 -2.46 -6.74
N VAL B 54 31.20 -3.53 -6.92
CA VAL B 54 31.91 -4.14 -5.80
C VAL B 54 32.87 -3.13 -5.16
N ASP B 55 33.64 -2.44 -5.98
CA ASP B 55 34.67 -1.56 -5.47
C ASP B 55 34.11 -0.24 -4.92
N CYS B 56 32.99 0.26 -5.45
CA CYS B 56 32.60 1.66 -5.28
C CYS B 56 31.29 1.94 -4.55
N SER B 57 30.42 0.96 -4.39
CA SER B 57 29.10 1.22 -3.81
C SER B 57 28.99 0.87 -2.32
N GLY B 58 30.12 0.77 -1.61
CA GLY B 58 30.07 0.73 -0.16
C GLY B 58 29.30 1.87 0.47
N PRO B 59 29.44 3.11 -0.03
CA PRO B 59 28.74 4.23 0.62
C PRO B 59 27.23 4.11 0.58
N GLN B 60 26.68 3.30 -0.33
CA GLN B 60 25.25 3.05 -0.38
C GLN B 60 24.81 1.84 0.43
N GLY B 61 25.74 1.19 1.12
CA GLY B 61 25.44 0.05 1.97
C GLY B 61 26.01 -1.27 1.54
N ASN B 62 26.67 -1.36 0.40
CA ASN B 62 27.15 -2.66 0.00
C ASN B 62 28.51 -2.96 0.64
N GLU B 63 28.86 -4.23 0.63
CA GLU B 63 30.05 -4.73 1.32
C GLU B 63 30.84 -5.67 0.42
N GLY B 64 30.90 -5.33 -0.88
CA GLY B 64 31.83 -5.98 -1.78
C GLY B 64 31.57 -7.46 -1.86
N CYS B 65 32.63 -8.25 -1.69
CA CYS B 65 32.50 -9.70 -1.80
C CYS B 65 31.86 -10.31 -0.57
N ASN B 66 31.62 -9.50 0.49
CA ASN B 66 30.94 -9.94 1.71
C ASN B 66 29.43 -9.81 1.63
N GLY B 67 28.89 -9.22 0.57
CA GLY B 67 27.47 -9.15 0.37
C GLY B 67 27.02 -7.74 0.01
N GLY B 68 25.77 -7.65 -0.42
CA GLY B 68 25.22 -6.36 -0.81
C GLY B 68 23.77 -6.53 -1.17
N LEU B 69 23.19 -5.48 -1.73
CA LEU B 69 21.81 -5.48 -2.18
C LEU B 69 21.69 -4.74 -3.51
N MET B 70 20.78 -5.22 -4.35
CA MET B 70 20.61 -4.61 -5.66
C MET B 70 20.13 -3.17 -5.53
N ASP B 71 19.24 -2.91 -4.57
CA ASP B 71 18.75 -1.53 -4.45
C ASP B 71 19.88 -0.60 -4.06
N TYR B 72 20.84 -1.07 -3.26
CA TYR B 72 21.97 -0.21 -2.93
C TYR B 72 22.80 0.07 -4.16
N ALA B 73 22.94 -0.91 -5.04
CA ALA B 73 23.66 -0.73 -6.29
C ALA B 73 22.94 0.27 -7.20
N PHE B 74 21.61 0.17 -7.24
CA PHE B 74 20.86 1.13 -8.02
C PHE B 74 21.02 2.52 -7.44
N GLN B 75 21.08 2.63 -6.11
CA GLN B 75 21.27 3.93 -5.50
C GLN B 75 22.63 4.50 -5.86
N TYR B 76 23.65 3.65 -5.88
CA TYR B 76 24.99 4.05 -6.23
C TYR B 76 25.03 4.69 -7.61
N VAL B 77 24.40 4.04 -8.58
CA VAL B 77 24.46 4.53 -9.94
C VAL B 77 23.83 5.91 -10.02
N GLN B 78 22.77 6.12 -9.25
CA GLN B 78 22.12 7.42 -9.22
C GLN B 78 23.02 8.45 -8.55
N ASP B 79 23.49 8.13 -7.33
CA ASP B 79 24.36 9.05 -6.60
C ASP B 79 25.61 9.39 -7.40
N ASN B 80 26.16 8.39 -8.11
CA ASN B 80 27.43 8.49 -8.81
C ASN B 80 27.29 9.15 -10.17
N GLY B 81 26.08 9.20 -10.70
CA GLY B 81 25.87 9.73 -12.03
C GLY B 81 26.26 8.80 -13.16
N GLY B 82 26.51 7.52 -12.90
CA GLY B 82 26.90 6.62 -13.96
C GLY B 82 27.45 5.31 -13.45
N LEU B 83 27.76 4.44 -14.41
CA LEU B 83 28.33 3.12 -14.14
C LEU B 83 29.14 2.71 -15.36
N ASP B 84 30.35 2.21 -15.13
CA ASP B 84 31.22 1.86 -16.26
C ASP B 84 30.79 0.55 -16.93
N SER B 85 31.23 0.39 -18.16
CA SER B 85 31.01 -0.85 -18.88
C SER B 85 31.90 -1.99 -18.35
N GLU B 86 31.45 -3.23 -18.60
CA GLU B 86 32.24 -4.40 -18.27
C GLU B 86 33.60 -4.34 -18.96
N GLU B 87 33.58 -4.04 -20.26
CA GLU B 87 34.80 -3.96 -21.04
C GLU B 87 35.81 -3.02 -20.38
N SER B 88 35.33 -1.85 -19.93
CA SER B 88 36.21 -0.83 -19.38
C SER B 88 36.65 -1.10 -17.95
N TYR B 89 35.93 -1.94 -17.24
CA TYR B 89 36.15 -2.12 -15.80
C TYR B 89 35.92 -3.59 -15.47
N PRO B 90 36.86 -4.44 -15.85
CA PRO B 90 36.56 -5.87 -15.95
C PRO B 90 36.50 -6.51 -14.57
N TYR B 91 35.94 -7.70 -14.54
CA TYR B 91 35.65 -8.35 -13.28
C TYR B 91 36.87 -9.11 -12.76
N GLU B 92 37.20 -8.87 -11.50
CA GLU B 92 38.37 -9.51 -10.90
C GLU B 92 38.05 -10.45 -9.74
N ALA B 93 36.80 -10.50 -9.30
CA ALA B 93 36.34 -11.44 -8.27
C ALA B 93 36.95 -11.20 -6.89
N THR B 94 37.36 -9.97 -6.61
CA THR B 94 37.94 -9.61 -5.32
C THR B 94 37.74 -8.09 -5.18
N GLU B 95 37.54 -7.63 -3.94
CA GLU B 95 37.30 -6.20 -3.73
C GLU B 95 38.60 -5.44 -3.86
N GLU B 96 38.57 -4.33 -4.60
CA GLU B 96 39.71 -3.43 -4.67
C GLU B 96 39.20 -2.01 -4.56
N SER B 97 40.13 -1.06 -4.61
CA SER B 97 39.75 0.33 -4.49
C SER B 97 39.00 0.76 -5.75
N CYS B 98 38.09 1.71 -5.56
CA CYS B 98 37.22 2.16 -6.65
C CYS B 98 38.02 2.81 -7.75
N LYS B 99 37.84 2.32 -8.96
CA LYS B 99 38.53 2.85 -10.13
C LYS B 99 37.52 3.39 -11.17
N TYR B 100 36.33 3.79 -10.74
CA TYR B 100 35.33 4.32 -11.65
C TYR B 100 35.88 5.50 -12.45
N ASN B 101 35.64 5.49 -13.76
CA ASN B 101 35.99 6.61 -14.63
C ASN B 101 34.74 7.04 -15.38
N PRO B 102 34.26 8.27 -15.18
CA PRO B 102 33.01 8.68 -15.83
C PRO B 102 33.11 8.69 -17.34
N LYS B 103 34.32 8.71 -17.91
CA LYS B 103 34.42 8.73 -19.37
C LYS B 103 33.90 7.43 -19.97
N TYR B 104 33.96 6.34 -19.21
CA TYR B 104 33.49 5.04 -19.65
C TYR B 104 32.12 4.71 -19.10
N SER B 105 31.41 5.67 -18.50
CA SER B 105 30.05 5.39 -18.05
C SER B 105 29.14 5.10 -19.24
N VAL B 106 28.32 4.08 -19.12
CA VAL B 106 27.40 3.73 -20.20
C VAL B 106 25.99 3.50 -19.67
N ALA B 107 25.77 3.81 -18.39
CA ALA B 107 24.47 3.54 -17.78
C ALA B 107 24.20 4.54 -16.67
N ASN B 108 22.91 4.76 -16.40
CA ASN B 108 22.47 5.72 -15.42
C ASN B 108 21.10 5.30 -14.91
N ASP B 109 20.69 5.82 -13.75
CA ASP B 109 19.32 5.63 -13.30
C ASP B 109 18.94 6.76 -12.38
N ALA B 110 17.63 6.90 -12.14
CA ALA B 110 17.11 7.89 -11.20
C ALA B 110 16.43 7.19 -10.05
N GLY B 111 17.10 6.22 -9.45
CA GLY B 111 16.55 5.49 -8.33
C GLY B 111 16.06 4.12 -8.73
N PHE B 112 15.15 3.60 -7.90
CA PHE B 112 14.69 2.23 -8.12
C PHE B 112 13.25 2.07 -7.66
N VAL B 113 12.67 0.94 -8.07
CA VAL B 113 11.31 0.55 -7.78
C VAL B 113 11.39 -0.77 -7.02
N ASP B 114 10.83 -0.80 -5.82
CA ASP B 114 10.59 -2.05 -5.09
C ASP B 114 9.18 -2.52 -5.40
N ILE B 115 9.07 -3.68 -6.03
CA ILE B 115 7.78 -4.26 -6.39
C ILE B 115 7.08 -4.80 -5.14
N PRO B 116 5.78 -4.63 -5.00
CA PRO B 116 5.07 -5.23 -3.86
C PRO B 116 5.23 -6.75 -3.85
N LYS B 117 5.05 -7.31 -2.66
CA LYS B 117 5.44 -8.70 -2.38
C LYS B 117 4.34 -9.68 -2.78
N GLN B 118 4.04 -9.70 -4.07
CA GLN B 118 3.05 -10.61 -4.64
C GLN B 118 3.59 -11.14 -5.96
N GLU B 119 3.46 -12.44 -6.19
CA GLU B 119 3.90 -12.96 -7.48
C GLU B 119 3.09 -12.38 -8.65
N LYS B 120 1.84 -11.98 -8.41
CA LYS B 120 1.07 -11.35 -9.47
C LYS B 120 1.71 -10.03 -9.89
N ALA B 121 2.14 -9.24 -8.92
CA ALA B 121 2.84 -8.00 -9.22
C ALA B 121 4.18 -8.27 -9.89
N LEU B 122 4.93 -9.27 -9.41
CA LEU B 122 6.18 -9.60 -10.09
C LEU B 122 5.92 -9.96 -11.53
N MET B 123 4.91 -10.79 -11.79
CA MET B 123 4.60 -11.13 -13.16
C MET B 123 4.30 -9.88 -14.00
N LYS B 124 3.45 -8.98 -13.49
CA LYS B 124 3.14 -7.77 -14.24
C LYS B 124 4.42 -6.99 -14.53
N ALA B 125 5.34 -6.94 -13.56
CA ALA B 125 6.55 -6.18 -13.74
C ALA B 125 7.43 -6.83 -14.80
N VAL B 126 7.64 -8.14 -14.70
CA VAL B 126 8.42 -8.84 -15.73
C VAL B 126 7.80 -8.62 -17.11
N ALA B 127 6.47 -8.66 -17.21
CA ALA B 127 5.83 -8.53 -18.52
C ALA B 127 5.99 -7.13 -19.10
N THR B 128 5.95 -6.09 -18.27
CA THR B 128 5.85 -4.74 -18.79
C THR B 128 7.10 -3.90 -18.59
N VAL B 129 8.05 -4.34 -17.76
CA VAL B 129 9.24 -3.57 -17.45
C VAL B 129 10.49 -4.15 -18.13
N GLY B 130 10.74 -5.45 -17.94
CA GLY B 130 11.95 -6.06 -18.42
C GLY B 130 12.47 -6.98 -17.35
N PRO B 131 13.75 -7.40 -17.44
CA PRO B 131 14.33 -8.23 -16.38
C PRO B 131 14.25 -7.55 -15.02
N ILE B 132 13.98 -8.34 -13.99
CA ILE B 132 13.75 -7.86 -12.63
C ILE B 132 14.79 -8.49 -11.72
N SER B 133 15.44 -7.68 -10.89
CA SER B 133 16.28 -8.22 -9.82
C SER B 133 15.42 -8.86 -8.73
N VAL B 134 15.81 -10.04 -8.29
CA VAL B 134 15.13 -10.68 -7.18
C VAL B 134 16.15 -11.29 -6.24
N ALA B 135 15.74 -11.42 -4.97
CA ALA B 135 16.41 -12.25 -3.98
C ALA B 135 15.69 -13.58 -3.79
N ILE B 136 16.44 -14.68 -3.70
CA ILE B 136 15.86 -16.01 -3.49
C ILE B 136 16.65 -16.68 -2.37
N ASP B 137 16.00 -17.64 -1.72
CA ASP B 137 16.65 -18.58 -0.83
C ASP B 137 17.36 -19.63 -1.69
N ALA B 138 18.67 -19.47 -1.88
CA ALA B 138 19.47 -20.42 -2.63
C ALA B 138 20.33 -21.29 -1.71
N GLY B 139 20.09 -21.24 -0.40
CA GLY B 139 20.96 -21.88 0.57
C GLY B 139 20.67 -23.34 0.79
N HIS B 140 20.45 -24.07 -0.29
CA HIS B 140 20.15 -25.49 -0.30
C HIS B 140 21.03 -26.17 -1.34
N GLU B 141 21.55 -27.37 -1.01
CA GLU B 141 22.43 -28.01 -1.98
C GLU B 141 21.70 -28.38 -3.26
N SER B 142 20.37 -28.60 -3.18
CA SER B 142 19.58 -28.77 -4.41
C SER B 142 19.84 -27.64 -5.38
N PHE B 143 20.02 -26.42 -4.88
CA PHE B 143 20.25 -25.30 -5.77
C PHE B 143 21.66 -25.34 -6.32
N LEU B 144 22.63 -25.68 -5.46
CA LEU B 144 24.01 -25.83 -5.94
C LEU B 144 24.09 -26.81 -7.09
N PHE B 145 23.35 -27.92 -6.98
CA PHE B 145 23.46 -29.06 -7.89
C PHE B 145 22.47 -28.98 -9.04
N TYR B 146 21.68 -27.93 -9.12
CA TYR B 146 20.63 -27.88 -10.10
C TYR B 146 21.23 -28.01 -11.50
N LYS B 147 20.58 -28.80 -12.30
CA LYS B 147 21.01 -29.02 -13.67
C LYS B 147 19.93 -28.74 -14.73
N GLU B 148 18.67 -29.06 -14.44
CA GLU B 148 17.59 -28.98 -15.42
C GLU B 148 16.27 -29.12 -14.68
N GLY B 149 15.18 -28.59 -15.28
CA GLY B 149 13.84 -28.82 -14.76
C GLY B 149 13.35 -27.63 -13.97
N ILE B 150 12.14 -27.77 -13.42
CA ILE B 150 11.53 -26.72 -12.59
C ILE B 150 12.03 -26.86 -11.14
N TYR B 151 12.86 -25.93 -10.70
CA TYR B 151 13.38 -25.98 -9.35
C TYR B 151 12.27 -25.78 -8.32
N PHE B 152 12.17 -26.72 -7.40
CA PHE B 152 11.30 -26.62 -6.23
C PHE B 152 12.00 -27.32 -5.09
N GLU B 153 12.28 -26.58 -4.02
CA GLU B 153 12.95 -27.10 -2.85
C GLU B 153 11.98 -27.04 -1.70
N PRO B 154 11.54 -28.17 -1.12
CA PRO B 154 10.51 -28.07 -0.07
C PRO B 154 10.93 -27.31 1.19
N ASP B 155 12.23 -27.24 1.49
CA ASP B 155 12.75 -26.47 2.63
C ASP B 155 13.03 -25.02 2.28
N CYS B 156 12.56 -24.55 1.14
CA CYS B 156 12.86 -23.17 0.76
C CYS B 156 12.02 -22.19 1.57
N SER B 157 12.67 -21.10 2.00
CA SER B 157 12.00 -20.05 2.75
C SER B 157 11.42 -19.04 1.78
N SER B 158 10.24 -18.52 2.12
CA SER B 158 9.67 -17.42 1.36
C SER B 158 10.03 -16.06 1.95
N GLU B 159 10.83 -16.04 3.02
CA GLU B 159 11.11 -14.85 3.80
C GLU B 159 12.59 -14.55 3.94
N ASP B 160 13.44 -15.58 4.14
CA ASP B 160 14.86 -15.40 4.38
C ASP B 160 15.61 -15.75 3.10
N MET B 161 16.05 -14.75 2.36
CA MET B 161 16.71 -14.93 1.09
C MET B 161 18.19 -14.60 1.25
N ASP B 162 19.02 -15.23 0.41
CA ASP B 162 20.46 -15.03 0.52
C ASP B 162 21.20 -14.86 -0.80
N HIS B 163 20.51 -14.84 -1.93
CA HIS B 163 21.17 -14.84 -3.23
C HIS B 163 20.40 -13.91 -4.17
N GLY B 164 21.11 -13.04 -4.84
CA GLY B 164 20.51 -12.12 -5.80
C GLY B 164 20.68 -12.67 -7.22
N VAL B 165 19.55 -12.76 -7.92
CA VAL B 165 19.52 -13.27 -9.29
C VAL B 165 18.61 -12.35 -10.09
N LEU B 166 18.29 -12.79 -11.31
CA LEU B 166 17.63 -11.93 -12.29
C LEU B 166 16.54 -12.72 -13.00
N VAL B 167 15.30 -12.27 -12.87
CA VAL B 167 14.21 -12.91 -13.59
C VAL B 167 14.17 -12.29 -14.99
N VAL B 168 14.37 -13.10 -16.03
CA VAL B 168 14.33 -12.61 -17.40
C VAL B 168 13.06 -13.03 -18.14
N GLY B 169 12.15 -13.69 -17.45
CA GLY B 169 10.91 -14.12 -18.08
C GLY B 169 10.19 -15.12 -17.20
N TYR B 170 9.19 -15.74 -17.79
CA TYR B 170 8.41 -16.75 -17.09
C TYR B 170 7.69 -17.57 -18.15
N GLY B 171 7.24 -18.74 -17.74
CA GLY B 171 6.68 -19.67 -18.70
C GLY B 171 5.81 -20.71 -18.02
N PHE B 172 5.37 -21.65 -18.82
CA PHE B 172 4.40 -22.65 -18.38
C PHE B 172 4.81 -24.01 -18.93
N GLU B 173 4.27 -25.04 -18.29
CA GLU B 173 4.45 -26.41 -18.74
C GLU B 173 3.59 -26.72 -19.95
N SER B 174 2.33 -26.30 -19.95
CA SER B 174 1.45 -26.36 -21.11
C SER B 174 0.52 -25.15 -21.09
N THR B 175 -0.01 -24.79 -22.27
CA THR B 175 -0.75 -23.54 -22.40
C THR B 175 -1.97 -23.49 -21.47
N GLU B 176 -2.51 -24.64 -21.09
CA GLU B 176 -3.72 -24.71 -20.27
C GLU B 176 -3.48 -25.25 -18.86
N SER B 177 -2.24 -25.61 -18.54
CA SER B 177 -1.94 -26.19 -17.23
C SER B 177 -1.57 -25.08 -16.23
N ASP B 178 -2.18 -25.13 -15.05
CA ASP B 178 -1.73 -24.29 -13.96
C ASP B 178 -0.43 -24.81 -13.37
N ASN B 179 -0.07 -26.06 -13.64
CA ASN B 179 0.99 -26.73 -12.91
C ASN B 179 2.37 -26.39 -13.47
N ASN B 180 3.34 -26.25 -12.57
CA ASN B 180 4.73 -26.15 -13.00
C ASN B 180 4.93 -24.97 -13.94
N LYS B 181 4.28 -23.86 -13.60
CA LYS B 181 4.72 -22.58 -14.13
C LYS B 181 6.10 -22.26 -13.57
N TYR B 182 6.84 -21.40 -14.27
CA TYR B 182 8.15 -21.07 -13.76
C TYR B 182 8.58 -19.66 -14.10
N TRP B 183 9.46 -19.16 -13.24
CA TRP B 183 10.23 -17.97 -13.52
C TRP B 183 11.54 -18.37 -14.20
N LEU B 184 11.88 -17.68 -15.28
CA LEU B 184 13.13 -17.94 -15.99
C LEU B 184 14.20 -17.09 -15.34
N VAL B 185 15.19 -17.73 -14.71
CA VAL B 185 16.10 -17.00 -13.84
C VAL B 185 17.55 -17.14 -14.33
N LYS B 186 18.21 -16.00 -14.51
CA LYS B 186 19.62 -15.94 -14.86
C LYS B 186 20.43 -15.87 -13.57
N ASN B 187 21.29 -16.85 -13.35
CA ASN B 187 22.24 -16.82 -12.27
C ASN B 187 23.57 -16.24 -12.75
N SER B 188 24.52 -16.11 -11.81
CA SER B 188 25.85 -15.56 -12.07
C SER B 188 26.94 -16.55 -11.64
N TRP B 189 26.71 -17.83 -11.91
CA TRP B 189 27.66 -18.88 -11.52
C TRP B 189 28.32 -19.54 -12.72
N GLY B 190 28.35 -18.85 -13.87
CA GLY B 190 28.86 -19.44 -15.09
C GLY B 190 27.83 -20.28 -15.82
N GLU B 191 28.15 -20.64 -17.04
CA GLU B 191 27.20 -21.42 -17.81
C GLU B 191 27.32 -22.93 -17.58
N GLU B 192 28.30 -23.39 -16.78
CA GLU B 192 28.31 -24.81 -16.43
C GLU B 192 27.22 -25.14 -15.42
N TRP B 193 26.92 -24.22 -14.51
CA TRP B 193 25.86 -24.45 -13.54
C TRP B 193 24.50 -24.45 -14.24
N GLY B 194 23.60 -25.29 -13.76
CA GLY B 194 22.26 -25.35 -14.28
C GLY B 194 22.19 -25.49 -15.79
N MET B 195 21.20 -24.81 -16.38
CA MET B 195 20.84 -24.91 -17.79
C MET B 195 21.53 -23.75 -18.50
N GLY B 196 22.80 -23.97 -18.82
CA GLY B 196 23.59 -22.90 -19.39
C GLY B 196 23.63 -21.67 -18.50
N GLY B 197 23.52 -21.87 -17.19
CA GLY B 197 23.62 -20.82 -16.20
C GLY B 197 22.29 -20.23 -15.78
N TYR B 198 21.20 -20.80 -16.31
CA TYR B 198 19.82 -20.45 -16.03
C TYR B 198 19.20 -21.52 -15.16
N VAL B 199 18.14 -21.12 -14.46
CA VAL B 199 17.32 -22.02 -13.67
C VAL B 199 15.86 -21.61 -13.85
N LYS B 200 14.98 -22.60 -13.97
CA LYS B 200 13.53 -22.38 -13.94
C LYS B 200 13.02 -22.59 -12.50
N MET B 201 12.56 -21.53 -11.86
N MET B 201 12.57 -21.51 -11.86
CA MET B 201 12.10 -21.60 -10.48
CA MET B 201 12.10 -21.54 -10.48
C MET B 201 10.58 -21.59 -10.42
C MET B 201 10.57 -21.62 -10.45
N ALA B 202 10.04 -22.44 -9.54
CA ALA B 202 8.60 -22.59 -9.40
C ALA B 202 7.88 -21.26 -9.22
N LYS B 203 6.88 -21.05 -10.06
CA LYS B 203 6.11 -19.82 -10.14
C LYS B 203 4.69 -20.09 -9.64
N ASP B 204 4.20 -19.19 -8.78
CA ASP B 204 2.84 -19.24 -8.28
C ASP B 204 2.61 -20.44 -7.38
N ARG B 205 3.66 -20.82 -6.64
CA ARG B 205 3.59 -21.83 -5.60
C ARG B 205 3.95 -21.15 -4.28
N ARG B 206 3.06 -20.29 -3.81
CA ARG B 206 3.23 -19.65 -2.50
C ARG B 206 4.58 -18.94 -2.40
N ASN B 207 4.92 -18.19 -3.44
CA ASN B 207 6.10 -17.32 -3.44
C ASN B 207 7.34 -18.17 -3.10
N HIS B 208 7.54 -19.17 -3.93
CA HIS B 208 8.55 -20.17 -3.64
C HIS B 208 9.94 -19.55 -3.64
N CYS B 209 10.69 -19.89 -2.59
CA CYS B 209 12.02 -19.38 -2.27
C CYS B 209 12.07 -17.87 -2.13
N GLY B 210 10.92 -17.21 -1.99
CA GLY B 210 10.89 -15.79 -1.73
C GLY B 210 11.12 -14.95 -2.95
N ILE B 211 10.93 -15.50 -4.13
CA ILE B 211 11.36 -14.81 -5.32
C ILE B 211 10.66 -13.46 -5.49
N ALA B 212 9.45 -13.30 -4.96
CA ALA B 212 8.69 -12.03 -5.08
C ALA B 212 8.80 -11.17 -3.85
N SER B 213 9.62 -11.57 -2.87
CA SER B 213 9.67 -10.88 -1.58
C SER B 213 10.60 -9.68 -1.57
N ALA B 214 11.53 -9.59 -2.51
CA ALA B 214 12.49 -8.49 -2.56
C ALA B 214 12.85 -8.22 -4.01
N ALA B 215 11.83 -8.05 -4.85
CA ALA B 215 11.99 -7.79 -6.29
C ALA B 215 12.11 -6.29 -6.54
N SER B 216 12.97 -5.92 -7.47
CA SER B 216 13.17 -4.49 -7.73
C SER B 216 13.86 -4.30 -9.07
N TYR B 217 13.82 -3.05 -9.55
CA TYR B 217 14.52 -2.70 -10.76
C TYR B 217 14.82 -1.22 -10.75
N PRO B 218 15.80 -0.78 -11.55
CA PRO B 218 16.19 0.62 -11.52
C PRO B 218 15.28 1.47 -12.37
N THR B 219 15.10 2.71 -11.90
CA THR B 219 14.31 3.73 -12.58
C THR B 219 15.19 4.36 -13.66
N VAL B 220 14.86 4.08 -14.91
CA VAL B 220 15.58 4.58 -16.06
C VAL B 220 14.63 5.31 -17.01
N ALA C 1 -30.43 -5.60 23.18
CA ALA C 1 -29.18 -5.54 22.37
C ALA C 1 -28.32 -4.38 22.88
N PRO C 2 -27.02 -4.59 23.03
CA PRO C 2 -26.17 -3.54 23.64
C PRO C 2 -26.21 -2.27 22.81
N ARG C 3 -25.72 -1.18 23.40
CA ARG C 3 -25.74 0.11 22.70
C ARG C 3 -24.71 0.15 21.58
N SER C 4 -23.56 -0.52 21.79
CA SER C 4 -22.55 -0.66 20.77
C SER C 4 -21.89 -2.02 20.87
N VAL C 5 -21.40 -2.50 19.72
CA VAL C 5 -20.81 -3.82 19.58
C VAL C 5 -19.59 -3.69 18.68
N ASP C 6 -18.52 -4.42 18.99
CA ASP C 6 -17.33 -4.42 18.12
C ASP C 6 -16.62 -5.77 18.26
N TRP C 7 -16.94 -6.70 17.36
CA TRP C 7 -16.44 -8.06 17.47
C TRP C 7 -14.93 -8.15 17.32
N ARG C 8 -14.27 -7.10 16.81
CA ARG C 8 -12.82 -7.16 16.76
C ARG C 8 -12.24 -7.28 18.16
N GLU C 9 -12.86 -6.61 19.13
CA GLU C 9 -12.35 -6.62 20.50
C GLU C 9 -12.46 -7.99 21.15
N LYS C 10 -13.31 -8.88 20.63
CA LYS C 10 -13.47 -10.22 21.18
C LYS C 10 -12.77 -11.30 20.36
N GLY C 11 -12.02 -10.90 19.33
CA GLY C 11 -11.15 -11.83 18.64
C GLY C 11 -11.77 -12.54 17.46
N TYR C 12 -12.87 -12.01 16.93
CA TYR C 12 -13.61 -12.67 15.87
C TYR C 12 -13.10 -12.32 14.47
N VAL C 13 -12.13 -11.41 14.34
CA VAL C 13 -11.92 -10.73 13.05
C VAL C 13 -10.43 -10.71 12.70
N THR C 14 -10.12 -11.25 11.52
CA THR C 14 -8.78 -11.23 10.99
C THR C 14 -8.45 -9.83 10.48
N PRO C 15 -7.17 -9.58 10.18
CA PRO C 15 -6.80 -8.27 9.60
C PRO C 15 -7.47 -8.01 8.27
N VAL C 16 -7.51 -6.74 7.89
CA VAL C 16 -8.04 -6.35 6.60
C VAL C 16 -7.21 -6.96 5.48
N LYS C 17 -7.90 -7.56 4.50
CA LYS C 17 -7.33 -8.13 3.29
C LYS C 17 -7.55 -7.20 2.10
N ASN C 18 -6.93 -7.56 0.99
CA ASN C 18 -7.09 -6.77 -0.23
C ASN C 18 -7.39 -7.70 -1.39
N GLN C 19 -8.56 -7.55 -1.97
CA GLN C 19 -9.00 -8.35 -3.11
C GLN C 19 -8.34 -7.93 -4.43
N GLY C 20 -7.63 -6.82 -4.47
CA GLY C 20 -7.03 -6.46 -5.73
C GLY C 20 -8.07 -5.99 -6.74
N GLN C 21 -7.80 -6.30 -8.02
CA GLN C 21 -8.65 -5.86 -9.12
C GLN C 21 -9.67 -6.93 -9.52
N CYS C 22 -9.71 -8.03 -8.79
CA CYS C 22 -10.65 -9.12 -9.03
C CYS C 22 -11.99 -8.84 -8.36
N GLY C 23 -13.07 -9.26 -9.02
CA GLY C 23 -14.40 -9.09 -8.47
C GLY C 23 -14.78 -10.15 -7.44
N SER C 24 -14.00 -10.26 -6.37
CA SER C 24 -14.16 -11.38 -5.44
C SER C 24 -14.58 -10.92 -4.05
N CYS C 25 -15.18 -9.73 -3.96
CA CYS C 25 -15.58 -9.20 -2.66
C CYS C 25 -16.49 -10.18 -1.94
N TRP C 26 -17.34 -10.88 -2.69
CA TRP C 26 -18.19 -11.89 -2.09
C TRP C 26 -17.36 -12.92 -1.32
N ALA C 27 -16.18 -13.31 -1.84
CA ALA C 27 -15.37 -14.32 -1.17
C ALA C 27 -14.75 -13.78 0.12
N PHE C 28 -14.37 -12.50 0.12
CA PHE C 28 -13.83 -11.90 1.34
C PHE C 28 -14.90 -11.70 2.39
N SER C 29 -16.11 -11.32 1.96
CA SER C 29 -17.21 -11.22 2.90
C SER C 29 -17.52 -12.56 3.51
N ALA C 30 -17.49 -13.62 2.69
CA ALA C 30 -17.81 -14.96 3.18
C ALA C 30 -16.72 -15.46 4.12
N THR C 31 -15.45 -15.33 3.74
CA THR C 31 -14.42 -15.78 4.67
C THR C 31 -14.50 -15.00 5.99
N GLY C 32 -14.74 -13.68 5.93
CA GLY C 32 -14.86 -12.90 7.17
C GLY C 32 -15.95 -13.45 8.08
N ALA C 33 -17.12 -13.76 7.50
CA ALA C 33 -18.22 -14.25 8.31
C ALA C 33 -17.88 -15.62 8.88
N LEU C 34 -17.26 -16.50 8.05
CA LEU C 34 -16.88 -17.84 8.49
C LEU C 34 -15.74 -17.77 9.52
N GLU C 35 -14.78 -16.84 9.33
CA GLU C 35 -13.69 -16.70 10.30
C GLU C 35 -14.30 -16.40 11.67
N GLY C 36 -15.28 -15.52 11.71
CA GLY C 36 -15.92 -15.14 12.95
C GLY C 36 -16.72 -16.29 13.56
N GLN C 37 -17.47 -17.01 12.73
CA GLN C 37 -18.23 -18.12 13.30
C GLN C 37 -17.33 -19.28 13.69
N MET C 38 -16.22 -19.51 12.98
CA MET C 38 -15.30 -20.57 13.42
C MET C 38 -14.66 -20.19 14.75
N PHE C 39 -14.40 -18.91 14.95
CA PHE C 39 -13.86 -18.46 16.22
C PHE C 39 -14.87 -18.65 17.34
N ARG C 40 -16.11 -18.22 17.11
CA ARG C 40 -17.20 -18.46 18.05
C ARG C 40 -17.29 -19.92 18.45
N LYS C 41 -17.02 -20.83 17.53
CA LYS C 41 -17.23 -22.24 17.81
C LYS C 41 -16.02 -22.86 18.51
N THR C 42 -14.81 -22.42 18.13
CA THR C 42 -13.59 -23.11 18.50
C THR C 42 -12.62 -22.27 19.32
N GLY C 43 -12.75 -20.95 19.30
CA GLY C 43 -11.75 -20.10 19.92
C GLY C 43 -10.49 -19.88 19.13
N ARG C 44 -10.39 -20.41 17.92
CA ARG C 44 -9.27 -20.18 17.04
C ARG C 44 -9.70 -19.27 15.91
N LEU C 45 -8.93 -18.23 15.69
CA LEU C 45 -9.06 -17.36 14.52
C LEU C 45 -8.03 -17.82 13.49
N ILE C 46 -8.50 -18.38 12.39
CA ILE C 46 -7.62 -18.72 11.27
C ILE C 46 -8.14 -18.05 10.02
N SER C 47 -7.25 -17.31 9.36
CA SER C 47 -7.57 -16.70 8.08
C SER C 47 -7.88 -17.78 7.05
N LEU C 48 -8.96 -17.58 6.30
CA LEU C 48 -9.50 -18.58 5.37
C LEU C 48 -9.25 -18.13 3.92
N SER C 49 -9.34 -19.11 3.01
CA SER C 49 -8.83 -18.92 1.65
C SER C 49 -9.93 -18.40 0.73
N GLU C 50 -9.88 -17.11 0.40
CA GLU C 50 -10.76 -16.58 -0.63
C GLU C 50 -10.51 -17.29 -1.96
N GLN C 51 -9.25 -17.61 -2.26
CA GLN C 51 -8.92 -18.22 -3.55
C GLN C 51 -9.60 -19.57 -3.71
N ASN C 52 -9.64 -20.35 -2.62
CA ASN C 52 -10.38 -21.60 -2.59
C ASN C 52 -11.81 -21.38 -3.07
N LEU C 53 -12.45 -20.34 -2.54
CA LEU C 53 -13.81 -20.01 -2.96
C LEU C 53 -13.87 -19.55 -4.42
N VAL C 54 -12.95 -18.69 -4.83
CA VAL C 54 -12.99 -18.19 -6.21
C VAL C 54 -12.83 -19.34 -7.22
N ASP C 55 -11.90 -20.24 -6.95
CA ASP C 55 -11.57 -21.30 -7.90
C ASP C 55 -12.60 -22.43 -7.90
N CYS C 56 -13.33 -22.63 -6.79
CA CYS C 56 -13.97 -23.90 -6.54
C CYS C 56 -15.49 -23.84 -6.38
N SER C 57 -16.08 -22.66 -6.15
CA SER C 57 -17.50 -22.54 -5.82
C SER C 57 -18.37 -22.20 -7.04
N GLY C 58 -17.85 -22.44 -8.24
CA GLY C 58 -18.66 -22.36 -9.43
C GLY C 58 -19.93 -23.19 -9.30
N PRO C 59 -19.80 -24.46 -8.92
CA PRO C 59 -21.01 -25.33 -8.87
C PRO C 59 -22.14 -24.74 -8.04
N GLN C 60 -21.83 -23.88 -7.08
CA GLN C 60 -22.85 -23.30 -6.23
C GLN C 60 -23.43 -22.00 -6.78
N GLY C 61 -22.94 -21.53 -7.92
CA GLY C 61 -23.49 -20.33 -8.54
C GLY C 61 -22.53 -19.17 -8.60
N ASN C 62 -21.35 -19.31 -8.02
CA ASN C 62 -20.42 -18.20 -8.10
C ASN C 62 -19.67 -18.23 -9.43
N GLU C 63 -19.12 -17.07 -9.77
CA GLU C 63 -18.47 -16.81 -11.04
C GLU C 63 -17.09 -16.22 -10.81
N GLY C 64 -16.37 -16.74 -9.82
CA GLY C 64 -15.00 -16.33 -9.55
C GLY C 64 -14.77 -14.84 -9.52
N CYS C 65 -13.88 -14.36 -10.40
CA CYS C 65 -13.57 -12.93 -10.43
C CYS C 65 -14.71 -12.10 -11.02
N ASN C 66 -15.68 -12.71 -11.69
CA ASN C 66 -16.81 -11.99 -12.30
C ASN C 66 -18.01 -11.83 -11.37
N GLY C 67 -17.89 -12.23 -10.11
CA GLY C 67 -18.95 -11.98 -9.15
C GLY C 67 -19.37 -13.25 -8.45
N GLY C 68 -20.13 -13.06 -7.37
CA GLY C 68 -20.56 -14.17 -6.53
C GLY C 68 -21.45 -13.67 -5.42
N LEU C 69 -21.84 -14.61 -4.56
CA LEU C 69 -22.65 -14.28 -3.39
C LEU C 69 -22.14 -15.04 -2.18
N MET C 70 -22.15 -14.37 -1.03
CA MET C 70 -21.67 -15.01 0.18
C MET C 70 -22.46 -16.29 0.45
N ASP C 71 -23.77 -16.28 0.21
CA ASP C 71 -24.57 -17.47 0.49
C ASP C 71 -24.08 -18.67 -0.32
N TYR C 72 -23.75 -18.43 -1.59
CA TYR C 72 -23.22 -19.49 -2.42
C TYR C 72 -21.90 -20.02 -1.90
N ALA C 73 -21.05 -19.13 -1.41
CA ALA C 73 -19.81 -19.56 -0.78
C ALA C 73 -20.08 -20.45 0.43
N PHE C 74 -21.05 -20.08 1.27
CA PHE C 74 -21.35 -20.89 2.44
C PHE C 74 -21.86 -22.26 2.03
N GLN C 75 -22.66 -22.30 0.97
CA GLN C 75 -23.13 -23.57 0.43
C GLN C 75 -21.97 -24.43 -0.07
N TYR C 76 -20.99 -23.80 -0.74
CA TYR C 76 -19.83 -24.54 -1.24
C TYR C 76 -19.11 -25.23 -0.08
N VAL C 77 -18.87 -24.49 1.00
CA VAL C 77 -18.16 -25.03 2.16
C VAL C 77 -18.92 -26.22 2.73
N GLN C 78 -20.24 -26.11 2.78
CA GLN C 78 -21.04 -27.25 3.24
C GLN C 78 -20.93 -28.42 2.28
N ASP C 79 -21.14 -28.17 0.97
CA ASP C 79 -21.08 -29.24 -0.03
C ASP C 79 -19.69 -29.86 -0.10
N ASN C 80 -18.67 -29.04 0.10
CA ASN C 80 -17.28 -29.48 -0.08
C ASN C 80 -16.76 -30.19 1.14
N GLY C 81 -17.43 -30.02 2.28
CA GLY C 81 -16.93 -30.54 3.53
C GLY C 81 -15.70 -29.85 4.06
N GLY C 82 -15.43 -28.62 3.66
CA GLY C 82 -14.24 -27.98 4.17
C GLY C 82 -13.86 -26.75 3.37
N LEU C 83 -12.90 -26.04 3.92
CA LEU C 83 -12.33 -24.85 3.28
C LEU C 83 -10.89 -24.72 3.72
N ASP C 84 -10.00 -24.51 2.76
CA ASP C 84 -8.58 -24.42 3.10
C ASP C 84 -8.26 -23.10 3.80
N SER C 85 -7.14 -23.13 4.52
CA SER C 85 -6.64 -21.94 5.15
C SER C 85 -6.09 -20.98 4.08
N GLU C 86 -6.06 -19.71 4.46
CA GLU C 86 -5.39 -18.71 3.65
C GLU C 86 -3.94 -19.13 3.39
N GLU C 87 -3.23 -19.57 4.43
CA GLU C 87 -1.82 -19.91 4.32
C GLU C 87 -1.59 -21.06 3.34
N SER C 88 -2.45 -22.10 3.38
CA SER C 88 -2.27 -23.23 2.47
C SER C 88 -2.64 -22.91 1.02
N TYR C 89 -3.49 -21.92 0.80
CA TYR C 89 -4.13 -21.67 -0.49
C TYR C 89 -4.27 -20.16 -0.65
N PRO C 90 -3.14 -19.46 -0.66
CA PRO C 90 -3.16 -18.00 -0.56
C PRO C 90 -3.75 -17.35 -1.80
N TYR C 91 -4.05 -16.07 -1.67
CA TYR C 91 -4.84 -15.35 -2.66
C TYR C 91 -4.02 -14.92 -3.85
N GLU C 92 -4.49 -15.26 -5.04
CA GLU C 92 -3.79 -14.97 -6.29
C GLU C 92 -4.44 -13.85 -7.09
N ALA C 93 -5.65 -13.44 -6.75
CA ALA C 93 -6.38 -12.35 -7.45
C ALA C 93 -6.65 -12.66 -8.92
N THR C 94 -6.73 -13.94 -9.28
CA THR C 94 -7.22 -14.35 -10.59
C THR C 94 -7.78 -15.77 -10.44
N GLU C 95 -8.75 -16.10 -11.29
CA GLU C 95 -9.42 -17.40 -11.19
C GLU C 95 -8.59 -18.49 -11.86
N GLU C 96 -8.50 -19.65 -11.21
CA GLU C 96 -7.78 -20.80 -11.74
C GLU C 96 -8.58 -22.05 -11.40
N SER C 97 -8.09 -23.20 -11.83
CA SER C 97 -8.73 -24.45 -11.46
C SER C 97 -8.63 -24.65 -9.96
N CYS C 98 -9.53 -25.48 -9.46
CA CYS C 98 -9.68 -25.70 -8.03
C CYS C 98 -8.54 -26.55 -7.51
N LYS C 99 -7.90 -26.08 -6.44
CA LYS C 99 -6.74 -26.74 -5.85
C LYS C 99 -7.04 -27.16 -4.43
N TYR C 100 -8.31 -27.35 -4.10
CA TYR C 100 -8.67 -27.67 -2.74
C TYR C 100 -7.93 -28.92 -2.29
N ASN C 101 -7.35 -28.84 -1.11
CA ASN C 101 -6.75 -30.01 -0.50
C ASN C 101 -7.44 -30.26 0.84
N PRO C 102 -8.15 -31.39 1.00
CA PRO C 102 -8.84 -31.59 2.29
C PRO C 102 -7.90 -31.72 3.46
N LYS C 103 -6.64 -32.06 3.23
CA LYS C 103 -5.69 -32.13 4.35
C LYS C 103 -5.44 -30.75 4.97
N TYR C 104 -5.79 -29.66 4.29
CA TYR C 104 -5.55 -28.31 4.79
C TYR C 104 -6.82 -27.54 5.11
N SER C 105 -7.95 -28.24 5.18
CA SER C 105 -9.18 -27.61 5.59
C SER C 105 -9.13 -27.24 7.08
N VAL C 106 -9.61 -26.04 7.39
CA VAL C 106 -9.57 -25.59 8.77
C VAL C 106 -10.93 -25.01 9.15
N ALA C 107 -11.92 -25.14 8.26
CA ALA C 107 -13.25 -24.61 8.52
C ALA C 107 -14.30 -25.50 7.86
N ASN C 108 -15.51 -25.50 8.44
CA ASN C 108 -16.65 -26.12 7.80
C ASN C 108 -17.89 -25.30 8.12
N ASP C 109 -18.99 -25.59 7.43
CA ASP C 109 -20.27 -25.08 7.91
C ASP C 109 -21.36 -26.03 7.48
N ALA C 110 -22.53 -25.82 8.09
CA ALA C 110 -23.71 -26.67 7.93
C ALA C 110 -24.84 -25.91 7.24
N GLY C 111 -24.50 -24.89 6.48
CA GLY C 111 -25.50 -24.04 5.91
C GLY C 111 -25.28 -22.61 6.34
N PHE C 112 -26.31 -21.80 6.18
CA PHE C 112 -26.25 -20.37 6.39
C PHE C 112 -27.65 -19.89 6.78
N VAL C 113 -27.67 -18.70 7.37
CA VAL C 113 -28.87 -18.03 7.82
C VAL C 113 -28.97 -16.68 7.13
N ASP C 114 -30.11 -16.44 6.51
CA ASP C 114 -30.42 -15.14 5.93
C ASP C 114 -31.28 -14.34 6.91
N ILE C 115 -30.92 -13.08 7.08
CA ILE C 115 -31.52 -12.17 8.06
C ILE C 115 -32.64 -11.37 7.41
N PRO C 116 -33.78 -11.15 8.08
CA PRO C 116 -34.83 -10.33 7.47
C PRO C 116 -34.25 -9.01 6.98
N LYS C 117 -34.88 -8.45 5.95
CA LYS C 117 -34.44 -7.20 5.34
C LYS C 117 -34.86 -5.97 6.16
N GLN C 118 -34.35 -5.92 7.40
CA GLN C 118 -34.70 -4.87 8.35
C GLN C 118 -33.50 -4.56 9.23
N GLU C 119 -33.23 -3.27 9.47
CA GLU C 119 -32.02 -2.92 10.21
C GLU C 119 -32.12 -3.32 11.67
N LYS C 120 -33.32 -3.32 12.26
CA LYS C 120 -33.46 -3.87 13.61
C LYS C 120 -33.06 -5.35 13.66
N ALA C 121 -33.44 -6.13 12.63
CA ALA C 121 -33.08 -7.55 12.62
C ALA C 121 -31.59 -7.71 12.39
N LEU C 122 -31.01 -6.87 11.52
CA LEU C 122 -29.56 -6.92 11.38
C LEU C 122 -28.89 -6.61 12.72
N MET C 123 -29.41 -5.65 13.48
CA MET C 123 -28.75 -5.28 14.74
C MET C 123 -28.77 -6.45 15.73
N LYS C 124 -29.93 -7.07 15.90
CA LYS C 124 -30.02 -8.23 16.77
C LYS C 124 -29.08 -9.33 16.31
N ALA C 125 -28.93 -9.53 15.00
CA ALA C 125 -28.01 -10.55 14.50
C ALA C 125 -26.57 -10.20 14.85
N VAL C 126 -26.16 -8.95 14.59
CA VAL C 126 -24.80 -8.55 14.94
C VAL C 126 -24.56 -8.68 16.44
N ALA C 127 -25.54 -8.27 17.26
CA ALA C 127 -25.35 -8.35 18.71
C ALA C 127 -25.20 -9.79 19.20
N THR C 128 -25.86 -10.75 18.56
CA THR C 128 -25.95 -12.08 19.14
C THR C 128 -25.17 -13.16 18.39
N VAL C 129 -24.77 -12.89 17.16
CA VAL C 129 -24.17 -13.92 16.29
C VAL C 129 -22.67 -13.72 16.15
N GLY C 130 -22.25 -12.49 15.85
CA GLY C 130 -20.91 -12.17 15.45
C GLY C 130 -20.94 -11.39 14.14
N PRO C 131 -19.82 -11.32 13.45
CA PRO C 131 -19.76 -10.58 12.18
C PRO C 131 -20.73 -11.14 11.16
N ILE C 132 -21.35 -10.24 10.37
CA ILE C 132 -22.43 -10.60 9.44
C ILE C 132 -22.04 -10.19 8.02
N SER C 133 -22.15 -11.13 7.08
CA SER C 133 -22.00 -10.78 5.68
C SER C 133 -23.16 -9.90 5.22
N VAL C 134 -22.85 -8.81 4.51
CA VAL C 134 -23.91 -7.97 3.94
C VAL C 134 -23.49 -7.48 2.57
N ALA C 135 -24.51 -7.09 1.80
CA ALA C 135 -24.37 -6.45 0.50
C ALA C 135 -24.73 -4.98 0.63
N ILE C 136 -23.99 -4.14 -0.09
CA ILE C 136 -24.23 -2.70 -0.07
C ILE C 136 -24.04 -2.14 -1.47
N ASP C 137 -24.68 -0.99 -1.71
CA ASP C 137 -24.41 -0.19 -2.89
C ASP C 137 -23.12 0.58 -2.64
N ALA C 138 -22.02 0.10 -3.20
CA ALA C 138 -20.73 0.75 -3.09
C ALA C 138 -20.37 1.51 -4.37
N GLY C 139 -21.31 1.63 -5.30
CA GLY C 139 -21.02 2.13 -6.63
C GLY C 139 -21.12 3.64 -6.72
N HIS C 140 -20.51 4.32 -5.77
CA HIS C 140 -20.48 5.77 -5.72
C HIS C 140 -19.05 6.20 -5.45
N GLU C 141 -18.60 7.30 -6.06
CA GLU C 141 -17.21 7.69 -5.84
C GLU C 141 -17.00 8.10 -4.39
N SER C 142 -18.04 8.63 -3.74
CA SER C 142 -17.94 8.91 -2.31
C SER C 142 -17.47 7.69 -1.53
N PHE C 143 -17.91 6.50 -1.92
CA PHE C 143 -17.43 5.33 -1.21
C PHE C 143 -15.99 5.00 -1.57
N LEU C 144 -15.60 5.14 -2.84
CA LEU C 144 -14.19 4.95 -3.20
C LEU C 144 -13.29 5.86 -2.37
N PHE C 145 -13.73 7.10 -2.16
CA PHE C 145 -12.94 8.14 -1.51
C PHE C 145 -13.08 8.18 0.00
N TYR C 146 -13.86 7.27 0.58
CA TYR C 146 -14.15 7.34 2.00
C TYR C 146 -12.86 7.23 2.81
N LYS C 147 -12.76 8.07 3.84
CA LYS C 147 -11.60 8.15 4.70
C LYS C 147 -11.96 8.06 6.17
N GLU C 148 -13.00 8.78 6.60
CA GLU C 148 -13.37 8.86 8.00
C GLU C 148 -14.81 9.36 8.12
N GLY C 149 -15.42 9.02 9.25
CA GLY C 149 -16.74 9.54 9.60
C GLY C 149 -17.82 8.55 9.23
N ILE C 150 -19.06 9.00 9.40
CA ILE C 150 -20.22 8.16 9.11
C ILE C 150 -20.60 8.37 7.66
N TYR C 151 -20.45 7.31 6.88
CA TYR C 151 -20.67 7.39 5.44
C TYR C 151 -22.15 7.51 5.11
N PHE C 152 -22.47 8.47 4.27
CA PHE C 152 -23.84 8.69 3.83
C PHE C 152 -23.81 9.23 2.41
N GLU C 153 -24.42 8.49 1.50
CA GLU C 153 -24.44 8.84 0.09
C GLU C 153 -25.90 9.11 -0.28
N PRO C 154 -26.30 10.36 -0.58
CA PRO C 154 -27.73 10.58 -0.88
C PRO C 154 -28.23 9.76 -2.05
N ASP C 155 -27.38 9.43 -3.03
CA ASP C 155 -27.77 8.65 -4.19
C ASP C 155 -27.64 7.14 -3.95
N CYS C 156 -27.34 6.72 -2.73
CA CYS C 156 -27.22 5.30 -2.50
C CYS C 156 -28.56 4.61 -2.68
N SER C 157 -28.53 3.41 -3.25
CA SER C 157 -29.73 2.59 -3.42
C SER C 157 -29.84 1.55 -2.31
N SER C 158 -31.05 1.35 -1.79
CA SER C 158 -31.30 0.27 -0.85
C SER C 158 -31.74 -1.02 -1.54
N GLU C 159 -31.82 -1.00 -2.87
CA GLU C 159 -32.27 -2.14 -3.66
C GLU C 159 -31.21 -2.73 -4.57
N ASP C 160 -30.29 -1.92 -5.11
CA ASP C 160 -29.29 -2.39 -6.07
C ASP C 160 -27.91 -2.38 -5.41
N MET C 161 -27.47 -3.55 -4.95
CA MET C 161 -26.21 -3.72 -4.26
C MET C 161 -25.17 -4.30 -5.23
N ASP C 162 -23.91 -3.94 -5.04
CA ASP C 162 -22.89 -4.46 -5.92
C ASP C 162 -21.62 -4.90 -5.19
N HIS C 163 -21.66 -4.99 -3.86
CA HIS C 163 -20.41 -5.18 -3.12
C HIS C 163 -20.69 -5.86 -1.79
N GLY C 164 -19.99 -6.95 -1.53
CA GLY C 164 -20.15 -7.69 -0.29
C GLY C 164 -19.07 -7.25 0.70
N VAL C 165 -19.49 -6.99 1.93
CA VAL C 165 -18.60 -6.52 2.98
C VAL C 165 -19.04 -7.22 4.25
N LEU C 166 -18.49 -6.79 5.39
CA LEU C 166 -18.67 -7.51 6.65
C LEU C 166 -18.97 -6.54 7.77
N VAL C 167 -20.13 -6.71 8.38
CA VAL C 167 -20.52 -5.91 9.54
C VAL C 167 -19.93 -6.58 10.78
N VAL C 168 -19.02 -5.88 11.46
CA VAL C 168 -18.40 -6.43 12.66
C VAL C 168 -18.87 -5.73 13.92
N GLY C 169 -19.83 -4.81 13.82
CA GLY C 169 -20.39 -4.17 15.00
C GLY C 169 -21.24 -2.99 14.58
N TYR C 170 -21.57 -2.18 15.58
CA TYR C 170 -22.33 -0.96 15.37
C TYR C 170 -22.11 -0.06 16.57
N GLY C 171 -22.57 1.19 16.43
CA GLY C 171 -22.40 2.15 17.51
C GLY C 171 -23.24 3.39 17.29
N PHE C 172 -22.95 4.41 18.10
CA PHE C 172 -23.76 5.62 18.10
C PHE C 172 -22.84 6.83 18.17
N GLU C 173 -23.37 7.99 17.77
CA GLU C 173 -22.61 9.24 17.87
C GLU C 173 -22.52 9.72 19.32
N SER C 174 -23.65 9.79 20.02
CA SER C 174 -23.68 10.22 21.41
C SER C 174 -24.48 9.27 22.29
N ASN C 179 -29.35 11.03 15.24
CA ASN C 179 -28.54 10.34 16.24
C ASN C 179 -27.25 9.85 15.59
N ASN C 180 -27.25 9.75 14.25
CA ASN C 180 -26.11 9.30 13.46
C ASN C 180 -25.47 8.04 14.08
N LYS C 181 -26.32 7.03 14.25
CA LYS C 181 -25.84 5.69 14.55
C LYS C 181 -25.11 5.15 13.32
N TYR C 182 -24.31 4.11 13.54
CA TYR C 182 -23.59 3.56 12.40
C TYR C 182 -23.32 2.09 12.54
N TRP C 183 -23.09 1.48 11.38
CA TRP C 183 -22.60 0.12 11.25
C TRP C 183 -21.08 0.13 11.06
N LEU C 184 -20.38 -0.69 11.83
CA LEU C 184 -18.94 -0.87 11.66
C LEU C 184 -18.69 -1.97 10.63
N VAL C 185 -18.09 -1.59 9.51
CA VAL C 185 -17.98 -2.47 8.35
C VAL C 185 -16.52 -2.68 7.96
N LYS C 186 -16.13 -3.94 7.83
CA LYS C 186 -14.83 -4.32 7.31
C LYS C 186 -14.96 -4.47 5.80
N ASN C 187 -14.13 -3.76 5.05
CA ASN C 187 -14.04 -3.88 3.61
C ASN C 187 -12.85 -4.76 3.27
N SER C 188 -12.67 -5.01 1.97
CA SER C 188 -11.59 -5.87 1.48
C SER C 188 -10.79 -5.15 0.40
N TRP C 189 -10.53 -3.87 0.61
CA TRP C 189 -9.76 -3.07 -0.34
C TRP C 189 -8.42 -2.63 0.25
N GLY C 190 -7.94 -3.34 1.27
CA GLY C 190 -6.70 -3.00 1.92
C GLY C 190 -6.86 -1.99 3.03
N GLU C 191 -5.77 -1.77 3.73
CA GLU C 191 -5.75 -0.89 4.87
C GLU C 191 -5.76 0.58 4.49
N GLU C 192 -5.30 0.91 3.27
CA GLU C 192 -5.22 2.31 2.91
C GLU C 192 -6.62 2.88 2.71
N TRP C 193 -7.54 2.07 2.17
CA TRP C 193 -8.90 2.56 1.98
C TRP C 193 -9.55 2.82 3.33
N GLY C 194 -10.32 3.91 3.41
CA GLY C 194 -11.14 4.17 4.59
C GLY C 194 -10.34 4.31 5.87
N MET C 195 -10.92 3.84 6.98
N MET C 195 -10.93 3.84 6.97
CA MET C 195 -10.34 3.94 8.31
CA MET C 195 -10.33 3.95 8.31
C MET C 195 -9.60 2.63 8.58
C MET C 195 -9.60 2.63 8.58
N GLY C 196 -8.35 2.54 8.12
CA GLY C 196 -7.61 1.30 8.22
C GLY C 196 -8.30 0.14 7.53
N GLY C 197 -9.08 0.42 6.48
CA GLY C 197 -9.86 -0.60 5.80
C GLY C 197 -11.29 -0.76 6.25
N TYR C 198 -11.72 0.02 7.24
CA TYR C 198 -13.06 -0.03 7.79
C TYR C 198 -13.85 1.22 7.42
N VAL C 199 -15.18 1.10 7.50
CA VAL C 199 -16.08 2.22 7.20
C VAL C 199 -17.22 2.21 8.21
N LYS C 200 -17.58 3.39 8.73
CA LYS C 200 -18.79 3.53 9.55
C LYS C 200 -19.92 3.93 8.60
N MET C 201 -20.89 3.02 8.42
N MET C 201 -20.90 3.06 8.41
CA MET C 201 -22.03 3.24 7.53
CA MET C 201 -21.99 3.34 7.49
C MET C 201 -23.22 3.74 8.33
C MET C 201 -23.26 3.67 8.25
N ALA C 202 -23.91 4.74 7.81
CA ALA C 202 -25.14 5.23 8.43
C ALA C 202 -26.12 4.11 8.75
N LYS C 203 -26.46 4.04 10.04
CA LYS C 203 -27.32 3.01 10.62
C LYS C 203 -28.67 3.62 10.95
N ASP C 204 -29.74 2.93 10.54
CA ASP C 204 -31.11 3.31 10.84
C ASP C 204 -31.54 4.56 10.10
N ARG C 205 -30.99 4.76 8.91
CA ARG C 205 -31.40 5.83 8.00
C ARG C 205 -31.95 5.17 6.74
N ARG C 206 -33.09 4.50 6.89
CA ARG C 206 -33.83 3.99 5.75
C ARG C 206 -32.99 2.96 4.97
N ASN C 207 -32.39 2.04 5.72
CA ASN C 207 -31.62 0.94 5.14
C ASN C 207 -30.61 1.49 4.14
N HIS C 208 -29.72 2.34 4.65
CA HIS C 208 -28.86 3.12 3.78
C HIS C 208 -27.89 2.22 3.02
N CYS C 209 -27.85 2.39 1.71
CA CYS C 209 -27.03 1.61 0.80
C CYS C 209 -27.40 0.12 0.81
N GLY C 210 -28.56 -0.22 1.37
CA GLY C 210 -29.05 -1.58 1.28
C GLY C 210 -28.42 -2.53 2.26
N ILE C 211 -27.85 -2.01 3.34
CA ILE C 211 -26.98 -2.84 4.15
C ILE C 211 -27.76 -3.96 4.81
N ALA C 212 -29.08 -3.81 4.99
CA ALA C 212 -29.84 -4.90 5.58
C ALA C 212 -30.58 -5.74 4.55
N SER C 213 -30.39 -5.47 3.24
CA SER C 213 -31.21 -6.12 2.24
C SER C 213 -30.76 -7.52 1.89
N ALA C 214 -29.51 -7.88 2.20
CA ALA C 214 -29.01 -9.21 1.85
C ALA C 214 -27.93 -9.63 2.84
N ALA C 215 -28.31 -9.72 4.10
CA ALA C 215 -27.38 -9.98 5.20
C ALA C 215 -27.49 -11.44 5.63
N SER C 216 -26.35 -12.06 5.93
CA SER C 216 -26.40 -13.48 6.25
C SER C 216 -25.14 -13.91 6.98
N TYR C 217 -25.17 -15.14 7.50
CA TYR C 217 -23.98 -15.70 8.14
C TYR C 217 -24.01 -17.21 8.07
N PRO C 218 -22.85 -17.86 8.15
CA PRO C 218 -22.80 -19.33 8.04
C PRO C 218 -23.11 -19.99 9.37
N THR C 219 -23.73 -21.17 9.27
CA THR C 219 -24.06 -21.99 10.42
C THR C 219 -22.88 -22.92 10.69
N VAL C 220 -22.31 -22.82 11.87
CA VAL C 220 -21.13 -23.61 12.21
C VAL C 220 -21.54 -24.47 13.39
N ALA D 1 14.45 27.16 -12.72
CA ALA D 1 13.12 27.38 -12.13
C ALA D 1 13.27 27.67 -10.66
N PRO D 2 12.22 28.20 -10.03
CA PRO D 2 12.24 28.29 -8.56
C PRO D 2 12.30 26.91 -7.96
N ARG D 3 12.59 26.89 -6.66
CA ARG D 3 12.59 25.64 -5.93
C ARG D 3 11.20 25.06 -5.75
N SER D 4 10.19 25.92 -5.62
CA SER D 4 8.81 25.51 -5.48
C SER D 4 7.92 26.57 -6.11
N VAL D 5 6.77 26.14 -6.62
CA VAL D 5 5.78 27.01 -7.25
C VAL D 5 4.40 26.58 -6.75
N ASP D 6 3.50 27.55 -6.52
CA ASP D 6 2.14 27.23 -6.11
C ASP D 6 1.28 28.37 -6.67
N TRP D 7 0.74 28.15 -7.85
CA TRP D 7 -0.04 29.20 -8.52
C TRP D 7 -1.35 29.52 -7.83
N ARG D 8 -1.79 28.66 -6.92
CA ARG D 8 -2.98 28.99 -6.11
C ARG D 8 -2.77 30.27 -5.30
N GLU D 9 -1.57 30.46 -4.78
CA GLU D 9 -1.25 31.63 -3.96
C GLU D 9 -1.26 32.90 -4.75
N LYS D 10 -1.16 32.83 -6.08
CA LYS D 10 -1.16 33.99 -6.95
C LYS D 10 -2.51 34.26 -7.61
N GLY D 11 -3.53 33.46 -7.31
CA GLY D 11 -4.86 33.75 -7.78
C GLY D 11 -5.19 33.16 -9.13
N TYR D 12 -4.39 32.20 -9.60
CA TYR D 12 -4.54 31.63 -10.93
C TYR D 12 -5.52 30.47 -10.99
N VAL D 13 -6.01 30.00 -9.85
CA VAL D 13 -6.63 28.68 -9.77
C VAL D 13 -8.00 28.79 -9.10
N THR D 14 -9.02 28.25 -9.75
CA THR D 14 -10.37 28.17 -9.20
C THR D 14 -10.44 27.05 -8.19
N PRO D 15 -11.51 26.98 -7.42
CA PRO D 15 -11.69 25.85 -6.50
C PRO D 15 -11.76 24.52 -7.24
N VAL D 16 -11.52 23.45 -6.47
CA VAL D 16 -11.62 22.11 -7.00
C VAL D 16 -13.05 21.86 -7.45
N LYS D 17 -13.17 21.22 -8.60
CA LYS D 17 -14.45 20.90 -9.21
C LYS D 17 -14.62 19.40 -9.23
N ASN D 18 -15.79 18.96 -9.68
CA ASN D 18 -16.05 17.53 -9.70
C ASN D 18 -16.70 17.15 -11.00
N GLN D 19 -16.00 16.36 -11.80
CA GLN D 19 -16.51 15.94 -13.09
C GLN D 19 -17.62 14.89 -12.99
N GLY D 20 -17.89 14.36 -11.80
CA GLY D 20 -18.90 13.32 -11.68
C GLY D 20 -18.44 12.04 -12.36
N GLN D 21 -19.41 11.28 -12.86
CA GLN D 21 -19.16 10.00 -13.53
C GLN D 21 -19.25 10.18 -15.03
N CYS D 22 -18.34 10.99 -15.57
CA CYS D 22 -18.32 11.39 -16.97
C CYS D 22 -16.83 11.46 -17.30
N GLY D 23 -16.48 10.96 -18.48
CA GLY D 23 -15.10 10.99 -18.91
C GLY D 23 -14.68 12.33 -19.47
N SER D 24 -14.84 13.38 -18.66
CA SER D 24 -14.60 14.74 -19.09
C SER D 24 -13.37 15.35 -18.42
N CYS D 25 -12.53 14.51 -17.82
CA CYS D 25 -11.33 15.02 -17.17
C CYS D 25 -10.58 16.00 -18.05
N TRP D 26 -10.42 15.65 -19.33
CA TRP D 26 -9.72 16.51 -20.29
C TRP D 26 -10.30 17.93 -20.33
N ALA D 27 -11.62 18.07 -20.11
CA ALA D 27 -12.26 19.37 -20.16
C ALA D 27 -11.96 20.19 -18.90
N PHE D 28 -11.86 19.51 -17.75
CA PHE D 28 -11.50 20.19 -16.51
C PHE D 28 -10.04 20.58 -16.51
N SER D 29 -9.17 19.72 -17.02
CA SER D 29 -7.77 20.11 -17.14
C SER D 29 -7.63 21.28 -18.12
N ALA D 30 -8.40 21.29 -19.20
CA ALA D 30 -8.31 22.40 -20.14
C ALA D 30 -8.84 23.70 -19.54
N THR D 31 -10.00 23.67 -18.88
CA THR D 31 -10.49 24.92 -18.32
C THR D 31 -9.53 25.42 -17.23
N GLY D 32 -8.93 24.50 -16.48
CA GLY D 32 -7.97 24.92 -15.48
C GLY D 32 -6.79 25.66 -16.08
N ALA D 33 -6.24 25.14 -17.16
CA ALA D 33 -5.13 25.82 -17.83
C ALA D 33 -5.56 27.16 -18.42
N LEU D 34 -6.76 27.23 -18.96
CA LEU D 34 -7.26 28.45 -19.60
C LEU D 34 -7.67 29.48 -18.56
N GLU D 35 -8.23 29.02 -17.45
CA GLU D 35 -8.47 29.87 -16.31
C GLU D 35 -7.18 30.56 -15.85
N GLY D 36 -6.09 29.78 -15.72
CA GLY D 36 -4.81 30.34 -15.33
C GLY D 36 -4.29 31.36 -16.33
N GLN D 37 -4.34 31.01 -17.62
CA GLN D 37 -3.80 31.93 -18.64
C GLN D 37 -4.68 33.15 -18.81
N MET D 38 -6.01 33.01 -18.71
CA MET D 38 -6.85 34.21 -18.76
C MET D 38 -6.53 35.12 -17.57
N PHE D 39 -6.36 34.53 -16.38
CA PHE D 39 -5.98 35.32 -15.23
C PHE D 39 -4.67 36.05 -15.52
N ARG D 40 -3.67 35.33 -16.05
CA ARG D 40 -2.38 35.93 -16.37
C ARG D 40 -2.56 37.14 -17.28
N LYS D 41 -3.51 37.06 -18.21
CA LYS D 41 -3.68 38.11 -19.21
C LYS D 41 -4.53 39.27 -18.70
N THR D 42 -5.55 38.99 -17.89
CA THR D 42 -6.51 40.03 -17.51
C THR D 42 -6.48 40.41 -16.04
N GLY D 43 -5.89 39.58 -15.19
CA GLY D 43 -6.01 39.84 -13.76
C GLY D 43 -7.32 39.42 -13.10
N ARG D 44 -8.21 38.76 -13.83
CA ARG D 44 -9.48 38.29 -13.31
C ARG D 44 -9.59 36.78 -13.46
N LEU D 45 -9.89 36.12 -12.37
CA LEU D 45 -10.12 34.69 -12.35
C LEU D 45 -11.60 34.43 -12.57
N ILE D 46 -11.94 33.71 -13.64
CA ILE D 46 -13.33 33.44 -13.94
C ILE D 46 -13.43 31.95 -14.26
N SER D 47 -14.21 31.24 -13.47
CA SER D 47 -14.40 29.82 -13.69
C SER D 47 -15.06 29.58 -15.04
N LEU D 48 -14.48 28.67 -15.84
CA LEU D 48 -14.93 28.39 -17.19
C LEU D 48 -15.73 27.10 -17.30
N SER D 49 -16.51 27.02 -18.38
CA SER D 49 -17.50 25.96 -18.57
C SER D 49 -16.89 24.70 -19.19
N GLU D 50 -16.80 23.65 -18.37
CA GLU D 50 -16.46 22.36 -18.91
C GLU D 50 -17.59 21.82 -19.78
N GLN D 51 -18.83 22.14 -19.46
CA GLN D 51 -19.94 21.65 -20.28
C GLN D 51 -19.85 22.20 -21.69
N ASN D 52 -19.49 23.47 -21.82
CA ASN D 52 -19.20 24.08 -23.12
C ASN D 52 -18.23 23.22 -23.92
N LEU D 53 -17.11 22.82 -23.30
CA LEU D 53 -16.16 21.99 -24.03
C LEU D 53 -16.76 20.64 -24.36
N VAL D 54 -17.36 19.98 -23.37
CA VAL D 54 -17.93 18.65 -23.58
C VAL D 54 -18.93 18.66 -24.73
N ASP D 55 -19.82 19.67 -24.75
CA ASP D 55 -20.91 19.69 -25.73
C ASP D 55 -20.44 20.07 -27.13
N CYS D 56 -19.41 20.92 -27.24
CA CYS D 56 -19.17 21.66 -28.46
C CYS D 56 -17.86 21.41 -29.19
N SER D 57 -16.87 20.78 -28.55
CA SER D 57 -15.56 20.59 -29.13
C SER D 57 -15.36 19.26 -29.85
N GLY D 58 -16.48 18.59 -30.24
CA GLY D 58 -16.36 17.45 -31.10
C GLY D 58 -15.65 17.67 -32.39
N PRO D 59 -15.90 18.77 -33.12
CA PRO D 59 -15.27 18.95 -34.42
C PRO D 59 -13.77 18.97 -34.35
N GLN D 60 -13.19 19.33 -33.19
CA GLN D 60 -11.77 19.36 -32.99
C GLN D 60 -11.20 18.00 -32.61
N GLY D 61 -12.03 17.00 -32.41
CA GLY D 61 -11.55 15.67 -32.07
C GLY D 61 -12.05 15.13 -30.76
N ASN D 62 -12.72 15.93 -29.93
CA ASN D 62 -13.10 15.39 -28.63
C ASN D 62 -14.38 14.57 -28.73
N GLU D 63 -14.61 13.75 -27.70
CA GLU D 63 -15.71 12.80 -27.70
C GLU D 63 -16.54 12.95 -26.44
N GLY D 64 -16.63 14.17 -25.93
CA GLY D 64 -17.57 14.45 -24.86
C GLY D 64 -17.27 13.64 -23.62
N CYS D 65 -18.30 12.98 -23.10
CA CYS D 65 -18.10 12.17 -21.90
C CYS D 65 -17.34 10.88 -22.18
N ASN D 66 -17.02 10.58 -23.43
CA ASN D 66 -16.25 9.39 -23.76
C ASN D 66 -14.77 9.70 -23.93
N GLY D 67 -14.34 10.91 -23.61
CA GLY D 67 -12.94 11.25 -23.60
C GLY D 67 -12.60 12.34 -24.59
N GLY D 68 -11.39 12.85 -24.43
CA GLY D 68 -10.95 13.98 -25.23
C GLY D 68 -9.51 14.30 -24.90
N LEU D 69 -9.06 15.41 -25.46
CA LEU D 69 -7.71 15.88 -25.26
C LEU D 69 -7.73 17.38 -25.01
N MET D 70 -6.87 17.82 -24.12
CA MET D 70 -6.82 19.24 -23.80
C MET D 70 -6.44 20.04 -25.03
N ASP D 71 -5.51 19.54 -25.84
CA ASP D 71 -5.13 20.31 -27.03
C ASP D 71 -6.32 20.51 -27.96
N TYR D 72 -7.15 19.49 -28.08
CA TYR D 72 -8.35 19.64 -28.88
C TYR D 72 -9.29 20.68 -28.28
N ALA D 73 -9.35 20.75 -26.95
CA ALA D 73 -10.16 21.78 -26.28
C ALA D 73 -9.58 23.18 -26.56
N PHE D 74 -8.27 23.33 -26.45
CA PHE D 74 -7.66 24.62 -26.77
C PHE D 74 -7.94 25.01 -28.21
N GLN D 75 -7.87 24.04 -29.11
CA GLN D 75 -8.19 24.30 -30.51
C GLN D 75 -9.64 24.73 -30.69
N TYR D 76 -10.55 24.13 -29.93
CA TYR D 76 -11.94 24.55 -30.05
C TYR D 76 -12.12 25.98 -29.62
N VAL D 77 -11.49 26.37 -28.51
CA VAL D 77 -11.64 27.75 -28.07
C VAL D 77 -11.12 28.71 -29.14
N GLN D 78 -9.95 28.42 -29.72
CA GLN D 78 -9.44 29.18 -30.86
C GLN D 78 -10.43 29.20 -32.04
N ASP D 79 -10.85 28.03 -32.53
CA ASP D 79 -11.75 27.97 -33.69
C ASP D 79 -13.05 28.74 -33.43
N ASN D 80 -13.61 28.56 -32.23
CA ASN D 80 -14.90 29.12 -31.83
C ASN D 80 -14.84 30.59 -31.51
N GLY D 81 -13.66 31.14 -31.31
CA GLY D 81 -13.57 32.50 -30.84
C GLY D 81 -14.08 32.73 -29.44
N GLY D 82 -14.11 31.73 -28.57
CA GLY D 82 -14.64 31.98 -27.24
C GLY D 82 -14.98 30.74 -26.45
N LEU D 83 -15.21 30.98 -25.15
CA LEU D 83 -15.64 29.93 -24.22
C LEU D 83 -16.44 30.57 -23.09
N ASP D 84 -17.58 29.97 -22.76
CA ASP D 84 -18.50 30.56 -21.80
C ASP D 84 -18.07 30.30 -20.37
N SER D 85 -18.53 31.19 -19.49
CA SER D 85 -18.22 31.05 -18.08
C SER D 85 -18.95 29.87 -17.45
N GLU D 86 -18.36 29.32 -16.37
CA GLU D 86 -19.03 28.28 -15.60
C GLU D 86 -20.43 28.72 -15.18
N GLU D 87 -20.56 29.94 -14.68
CA GLU D 87 -21.84 30.41 -14.15
C GLU D 87 -22.93 30.39 -15.22
N SER D 88 -22.59 30.82 -16.45
CA SER D 88 -23.56 30.92 -17.53
C SER D 88 -23.87 29.59 -18.19
N TYR D 89 -22.97 28.62 -18.09
CA TYR D 89 -23.05 27.36 -18.85
C TYR D 89 -22.61 26.27 -17.87
N PRO D 90 -23.43 25.99 -16.86
CA PRO D 90 -22.95 25.17 -15.74
C PRO D 90 -22.82 23.72 -16.11
N TYR D 91 -22.09 22.99 -15.26
CA TYR D 91 -21.70 21.62 -15.57
C TYR D 91 -22.80 20.64 -15.20
N GLU D 92 -23.11 19.74 -16.13
CA GLU D 92 -24.21 18.80 -15.98
C GLU D 92 -23.77 17.34 -15.95
N ALA D 93 -22.52 17.02 -16.27
CA ALA D 93 -22.00 15.65 -16.24
C ALA D 93 -22.74 14.71 -17.18
N THR D 94 -23.36 15.23 -18.22
CA THR D 94 -23.85 14.40 -19.31
C THR D 94 -23.67 15.15 -20.62
N GLU D 95 -23.62 14.39 -21.73
CA GLU D 95 -23.46 15.00 -23.03
C GLU D 95 -24.80 15.58 -23.48
N GLU D 96 -24.74 16.77 -24.08
CA GLU D 96 -25.91 17.44 -24.60
C GLU D 96 -25.46 18.23 -25.83
N SER D 97 -26.42 18.85 -26.50
CA SER D 97 -26.03 19.61 -27.67
C SER D 97 -25.36 20.89 -27.22
N CYS D 98 -24.64 21.48 -28.16
CA CYS D 98 -23.89 22.69 -27.89
C CYS D 98 -24.81 23.90 -27.73
N LYS D 99 -24.67 24.62 -26.60
CA LYS D 99 -25.46 25.82 -26.36
C LYS D 99 -24.55 27.02 -26.10
N TYR D 100 -23.35 27.00 -26.66
CA TYR D 100 -22.46 28.15 -26.56
C TYR D 100 -23.19 29.43 -26.89
N ASN D 101 -22.99 30.45 -26.06
CA ASN D 101 -23.54 31.79 -26.30
C ASN D 101 -22.37 32.78 -26.26
N PRO D 102 -21.99 33.40 -27.38
CA PRO D 102 -20.83 34.30 -27.35
C PRO D 102 -21.03 35.47 -26.42
N LYS D 103 -22.27 35.77 -26.07
CA LYS D 103 -22.55 36.85 -25.13
C LYS D 103 -21.96 36.57 -23.76
N TYR D 104 -21.86 35.29 -23.39
CA TYR D 104 -21.34 34.92 -22.09
C TYR D 104 -19.93 34.39 -22.17
N SER D 105 -19.25 34.57 -23.32
CA SER D 105 -17.87 34.15 -23.44
C SER D 105 -16.98 35.05 -22.58
N VAL D 106 -16.05 34.45 -21.86
CA VAL D 106 -15.14 35.18 -20.99
C VAL D 106 -13.70 34.77 -21.20
N ALA D 107 -13.44 33.91 -22.20
CA ALA D 107 -12.08 33.47 -22.50
C ALA D 107 -11.88 33.28 -24.00
N ASN D 108 -10.62 33.24 -24.42
CA ASN D 108 -10.25 32.94 -25.80
C ASN D 108 -8.81 32.44 -25.81
N ASP D 109 -8.42 31.78 -26.88
CA ASP D 109 -7.02 31.43 -27.05
C ASP D 109 -6.72 31.38 -28.54
N ALA D 110 -5.42 31.41 -28.81
CA ALA D 110 -4.87 31.47 -30.15
C ALA D 110 -4.16 30.19 -30.52
N GLY D 111 -4.46 29.10 -29.83
CA GLY D 111 -3.69 27.91 -30.03
C GLY D 111 -3.09 27.42 -28.73
N PHE D 112 -2.06 26.60 -28.84
CA PHE D 112 -1.54 25.92 -27.66
C PHE D 112 -0.09 25.55 -27.92
N VAL D 113 0.61 25.29 -26.84
CA VAL D 113 2.01 24.88 -26.89
C VAL D 113 2.11 23.52 -26.24
N ASP D 114 2.70 22.57 -26.97
CA ASP D 114 3.03 21.26 -26.43
C ASP D 114 4.44 21.31 -25.86
N ILE D 115 4.60 20.85 -24.62
CA ILE D 115 5.89 20.93 -23.92
C ILE D 115 6.72 19.70 -24.26
N PRO D 116 8.04 19.84 -24.47
CA PRO D 116 8.89 18.66 -24.64
C PRO D 116 8.66 17.63 -23.54
N LYS D 117 8.78 16.36 -23.94
CA LYS D 117 8.38 15.25 -23.09
C LYS D 117 9.49 14.89 -22.09
N GLN D 118 9.78 15.86 -21.22
CA GLN D 118 10.67 15.57 -20.09
C GLN D 118 10.39 16.55 -18.96
N GLU D 119 10.73 16.11 -17.75
CA GLU D 119 10.28 16.84 -16.56
C GLU D 119 11.01 18.14 -16.34
N LYS D 120 12.22 18.32 -16.88
CA LYS D 120 12.88 19.63 -16.75
C LYS D 120 12.10 20.68 -17.55
N ALA D 121 11.62 20.28 -18.73
CA ALA D 121 10.85 21.20 -19.55
C ALA D 121 9.50 21.49 -18.93
N LEU D 122 8.91 20.46 -18.32
CA LEU D 122 7.64 20.67 -17.64
C LEU D 122 7.80 21.62 -16.48
N MET D 123 8.88 21.47 -15.75
CA MET D 123 9.11 22.38 -14.63
C MET D 123 9.29 23.81 -15.13
N LYS D 124 10.05 23.97 -16.22
CA LYS D 124 10.29 25.28 -16.79
C LYS D 124 8.97 25.93 -17.16
N ALA D 125 8.07 25.18 -17.80
CA ALA D 125 6.77 25.72 -18.19
C ALA D 125 5.92 26.06 -16.97
N VAL D 126 5.92 25.20 -15.97
CA VAL D 126 5.07 25.51 -14.80
C VAL D 126 5.53 26.81 -14.19
N ALA D 127 6.85 26.95 -14.06
CA ALA D 127 7.42 28.16 -13.46
C ALA D 127 7.13 29.43 -14.26
N THR D 128 7.15 29.36 -15.58
CA THR D 128 7.15 30.58 -16.37
C THR D 128 5.80 30.91 -17.00
N VAL D 129 4.90 29.95 -17.06
CA VAL D 129 3.65 30.10 -17.76
C VAL D 129 2.49 30.17 -16.80
N GLY D 130 2.39 29.21 -15.88
CA GLY D 130 1.24 29.05 -15.04
C GLY D 130 0.86 27.58 -14.99
N PRO D 131 -0.35 27.30 -14.51
CA PRO D 131 -0.85 25.94 -14.49
C PRO D 131 -0.81 25.31 -15.88
N ILE D 132 -0.44 24.02 -15.91
CA ILE D 132 -0.17 23.28 -17.15
C ILE D 132 -1.10 22.08 -17.23
N SER D 133 -1.71 21.87 -18.39
CA SER D 133 -2.49 20.65 -18.58
C SER D 133 -1.53 19.48 -18.78
N VAL D 134 -1.79 18.38 -18.04
CA VAL D 134 -0.98 17.17 -18.15
C VAL D 134 -1.88 15.94 -18.20
N ALA D 135 -1.36 14.87 -18.81
CA ALA D 135 -1.99 13.56 -18.79
C ALA D 135 -1.16 12.67 -17.86
N ILE D 136 -1.84 11.89 -17.05
CA ILE D 136 -1.19 10.92 -16.17
C ILE D 136 -1.82 9.56 -16.28
N ASP D 137 -1.03 8.54 -15.94
CA ASP D 137 -1.56 7.23 -15.62
C ASP D 137 -2.20 7.30 -14.24
N ALA D 138 -3.51 7.43 -14.18
CA ALA D 138 -4.23 7.39 -12.93
C ALA D 138 -4.89 6.05 -12.65
N GLY D 139 -4.69 5.06 -13.52
CA GLY D 139 -5.46 3.84 -13.47
C GLY D 139 -4.98 2.81 -12.48
N HIS D 140 -4.80 3.20 -11.21
CA HIS D 140 -4.49 2.30 -10.12
C HIS D 140 -5.33 2.64 -8.89
N GLU D 141 -5.60 1.61 -8.08
CA GLU D 141 -6.38 1.77 -6.86
C GLU D 141 -5.67 2.71 -5.91
N SER D 142 -4.35 2.70 -5.93
CA SER D 142 -3.59 3.62 -5.11
C SER D 142 -3.96 5.07 -5.39
N PHE D 143 -4.31 5.38 -6.64
CA PHE D 143 -4.65 6.74 -6.98
C PHE D 143 -6.02 7.08 -6.44
N LEU D 144 -6.94 6.12 -6.51
CA LEU D 144 -8.28 6.37 -5.98
C LEU D 144 -8.25 6.66 -4.48
N PHE D 145 -7.41 5.93 -3.75
CA PHE D 145 -7.39 5.96 -2.30
C PHE D 145 -6.38 6.97 -1.76
N TYR D 146 -5.63 7.62 -2.62
CA TYR D 146 -4.64 8.58 -2.15
C TYR D 146 -5.22 9.58 -1.15
N LYS D 147 -4.50 9.72 -0.04
CA LYS D 147 -4.84 10.64 1.04
C LYS D 147 -3.85 11.80 1.18
N GLU D 148 -2.56 11.52 1.08
CA GLU D 148 -1.55 12.54 1.39
C GLU D 148 -0.19 12.04 0.96
N GLY D 149 0.80 12.94 1.05
CA GLY D 149 2.17 12.60 0.71
C GLY D 149 2.40 12.58 -0.78
N ILE D 150 3.58 12.09 -1.16
CA ILE D 150 3.94 12.09 -2.57
C ILE D 150 3.56 10.77 -3.22
N TYR D 151 2.66 10.85 -4.16
CA TYR D 151 2.14 9.64 -4.81
C TYR D 151 3.25 9.02 -5.64
N PHE D 152 3.56 7.75 -5.35
CA PHE D 152 4.49 7.00 -6.18
C PHE D 152 3.91 5.59 -6.32
N GLU D 153 3.62 5.20 -7.55
CA GLU D 153 3.00 3.90 -7.82
C GLU D 153 3.93 3.03 -8.65
N PRO D 154 4.37 1.88 -8.13
CA PRO D 154 5.39 1.12 -8.87
C PRO D 154 4.97 0.73 -10.26
N ASP D 155 3.69 0.48 -10.45
CA ASP D 155 3.17 0.08 -11.73
C ASP D 155 2.76 1.27 -12.63
N CYS D 156 3.22 2.47 -12.32
CA CYS D 156 2.79 3.60 -13.12
C CYS D 156 3.52 3.60 -14.45
N SER D 157 2.79 3.94 -15.50
CA SER D 157 3.32 3.98 -16.84
C SER D 157 3.64 5.40 -17.26
N SER D 158 4.76 5.56 -17.95
CA SER D 158 5.09 6.85 -18.55
C SER D 158 4.58 6.97 -19.97
N GLU D 159 3.91 5.92 -20.48
CA GLU D 159 3.39 5.90 -21.84
C GLU D 159 1.87 5.85 -21.93
N ASP D 160 1.18 5.20 -21.00
CA ASP D 160 -0.23 4.85 -21.14
C ASP D 160 -1.06 5.67 -20.14
N MET D 161 -1.19 6.95 -20.44
CA MET D 161 -1.93 7.87 -19.60
C MET D 161 -3.41 7.79 -19.92
N ASP D 162 -4.23 8.00 -18.90
CA ASP D 162 -5.67 7.85 -19.06
C ASP D 162 -6.47 8.97 -18.39
N HIS D 163 -5.81 9.99 -17.85
CA HIS D 163 -6.52 10.97 -17.02
C HIS D 163 -5.86 12.32 -17.20
N GLY D 164 -6.65 13.33 -17.51
CA GLY D 164 -6.15 14.70 -17.61
C GLY D 164 -6.32 15.46 -16.31
N VAL D 165 -5.26 16.14 -15.92
CA VAL D 165 -5.27 16.89 -14.68
C VAL D 165 -4.44 18.15 -14.91
N LEU D 166 -4.16 18.89 -13.83
CA LEU D 166 -3.59 20.22 -13.97
C LEU D 166 -2.46 20.37 -12.97
N VAL D 167 -1.26 20.62 -13.47
CA VAL D 167 -0.15 20.92 -12.57
C VAL D 167 -0.24 22.39 -12.19
N VAL D 168 -0.40 22.67 -10.91
CA VAL D 168 -0.46 24.05 -10.45
C VAL D 168 0.79 24.47 -9.71
N GLY D 169 1.74 23.56 -9.53
CA GLY D 169 3.05 23.92 -9.00
C GLY D 169 3.86 22.66 -8.72
N TYR D 170 4.85 22.82 -7.86
CA TYR D 170 5.76 21.75 -7.50
C TYR D 170 6.56 22.18 -6.29
N GLY D 171 7.22 21.22 -5.66
CA GLY D 171 8.05 21.55 -4.52
C GLY D 171 8.72 20.29 -3.98
N PHE D 172 9.00 20.29 -2.69
CA PHE D 172 9.68 19.16 -2.04
C PHE D 172 9.25 19.09 -0.59
N GLU D 173 9.17 17.86 -0.09
CA GLU D 173 8.97 17.51 1.31
C GLU D 173 10.31 17.17 1.94
N SER D 174 10.35 17.23 3.27
CA SER D 174 11.57 16.94 4.02
C SER D 174 12.71 17.89 3.65
N THR D 175 13.93 17.45 3.96
CA THR D 175 15.15 18.15 3.59
C THR D 175 15.33 18.14 2.09
N GLU D 176 15.74 19.28 1.53
CA GLU D 176 15.92 19.36 0.08
C GLU D 176 16.88 18.30 -0.44
N SER D 177 17.88 17.92 0.36
CA SER D 177 18.90 16.97 -0.11
C SER D 177 18.36 15.56 -0.23
N ASP D 178 17.20 15.28 0.36
CA ASP D 178 16.55 13.99 0.17
C ASP D 178 15.97 13.83 -1.23
N ASN D 179 15.83 14.92 -1.99
CA ASN D 179 15.22 14.88 -3.33
C ASN D 179 13.81 14.29 -3.30
N ASN D 180 13.09 14.63 -2.25
CA ASN D 180 11.72 14.21 -2.01
C ASN D 180 10.77 15.22 -2.68
N LYS D 181 10.75 15.16 -4.00
CA LYS D 181 10.14 16.20 -4.82
C LYS D 181 8.80 15.75 -5.36
N TYR D 182 7.95 16.74 -5.65
CA TYR D 182 6.64 16.43 -6.19
C TYR D 182 6.16 17.54 -7.10
N TRP D 183 5.21 17.16 -7.95
CA TRP D 183 4.32 18.05 -8.67
C TRP D 183 3.03 18.22 -7.87
N LEU D 184 2.51 19.45 -7.83
CA LEU D 184 1.25 19.76 -7.15
C LEU D 184 0.15 19.77 -8.21
N VAL D 185 -0.78 18.84 -8.07
CA VAL D 185 -1.72 18.51 -9.12
C VAL D 185 -3.14 18.72 -8.62
N LYS D 186 -3.90 19.51 -9.35
CA LYS D 186 -5.33 19.69 -9.16
C LYS D 186 -6.06 18.62 -9.95
N ASN D 187 -6.88 17.86 -9.25
CA ASN D 187 -7.78 16.89 -9.84
C ASN D 187 -9.18 17.49 -9.97
N SER D 188 -10.07 16.72 -10.60
CA SER D 188 -11.45 17.10 -10.81
C SER D 188 -12.42 16.06 -10.26
N TRP D 189 -12.09 15.48 -9.10
CA TRP D 189 -12.93 14.47 -8.47
C TRP D 189 -13.50 14.99 -7.15
N GLY D 190 -13.59 16.31 -7.00
CA GLY D 190 -14.13 16.86 -5.77
C GLY D 190 -13.10 17.04 -4.68
N GLU D 191 -13.51 17.79 -3.67
CA GLU D 191 -12.53 18.04 -2.62
C GLU D 191 -12.45 16.92 -1.60
N GLU D 192 -13.37 15.95 -1.66
CA GLU D 192 -13.29 14.81 -0.77
C GLU D 192 -12.21 13.82 -1.20
N TRP D 193 -11.80 13.86 -2.46
CA TRP D 193 -10.72 13.03 -2.97
C TRP D 193 -9.37 13.63 -2.57
N GLY D 194 -8.44 12.75 -2.17
CA GLY D 194 -7.09 13.21 -1.99
C GLY D 194 -6.99 14.24 -0.89
N MET D 195 -6.08 15.21 -1.10
N MET D 195 -6.09 15.20 -1.09
CA MET D 195 -5.81 16.29 -0.14
CA MET D 195 -5.82 16.28 -0.13
C MET D 195 -6.62 17.50 -0.61
C MET D 195 -6.62 17.49 -0.59
N GLY D 196 -7.88 17.55 -0.17
CA GLY D 196 -8.77 18.61 -0.61
C GLY D 196 -8.95 18.62 -2.11
N GLY D 197 -8.80 17.49 -2.77
CA GLY D 197 -8.94 17.41 -4.21
C GLY D 197 -7.64 17.51 -4.98
N TYR D 198 -6.52 17.68 -4.26
CA TYR D 198 -5.19 17.76 -4.81
C TYR D 198 -4.38 16.50 -4.52
N VAL D 199 -3.39 16.24 -5.37
CA VAL D 199 -2.38 15.20 -5.15
C VAL D 199 -0.99 15.76 -5.43
N LYS D 200 -0.03 15.37 -4.60
CA LYS D 200 1.38 15.59 -4.91
C LYS D 200 1.91 14.36 -5.64
N MET D 201 2.36 14.53 -6.88
N MET D 201 2.39 14.53 -6.86
CA MET D 201 2.83 13.41 -7.70
CA MET D 201 2.84 13.41 -7.69
C MET D 201 4.36 13.34 -7.73
C MET D 201 4.36 13.33 -7.76
N ALA D 202 4.88 12.10 -7.76
CA ALA D 202 6.33 11.92 -7.81
C ALA D 202 6.97 12.71 -8.96
N LYS D 203 8.02 13.46 -8.61
CA LYS D 203 8.72 14.33 -9.53
C LYS D 203 10.19 13.94 -9.65
N ASP D 204 10.69 13.99 -10.90
CA ASP D 204 12.10 13.72 -11.23
C ASP D 204 12.48 12.28 -10.93
N ARG D 205 11.54 11.38 -11.23
CA ARG D 205 11.77 9.94 -11.21
C ARG D 205 11.49 9.40 -12.62
N ARG D 206 12.10 10.02 -13.65
CA ARG D 206 11.99 9.63 -15.06
C ARG D 206 10.52 9.56 -15.50
N ASN D 207 9.80 10.65 -15.26
CA ASN D 207 8.50 10.88 -15.88
C ASN D 207 7.49 9.90 -15.30
N HIS D 208 7.42 9.88 -13.97
CA HIS D 208 6.55 8.96 -13.27
C HIS D 208 5.11 9.22 -13.65
N CYS D 209 4.41 8.15 -14.05
CA CYS D 209 3.01 8.19 -14.42
C CYS D 209 2.78 9.02 -15.67
N GLY D 210 3.84 9.35 -16.39
CA GLY D 210 3.73 10.05 -17.66
C GLY D 210 3.44 11.53 -17.60
N ILE D 211 3.65 12.18 -16.44
CA ILE D 211 3.14 13.54 -16.23
C ILE D 211 3.70 14.53 -17.25
N ALA D 212 4.88 14.24 -17.81
CA ALA D 212 5.51 15.09 -18.79
C ALA D 212 5.36 14.57 -20.20
N SER D 213 4.57 13.51 -20.40
CA SER D 213 4.43 12.90 -21.70
C SER D 213 3.48 13.66 -22.61
N ALA D 214 2.48 14.33 -22.06
CA ALA D 214 1.49 15.02 -22.89
C ALA D 214 1.07 16.31 -22.20
N ALA D 215 2.03 17.20 -21.95
CA ALA D 215 1.81 18.44 -21.21
C ALA D 215 1.65 19.60 -22.18
N SER D 216 0.70 20.48 -21.90
CA SER D 216 0.47 21.61 -22.81
C SER D 216 -0.26 22.73 -22.10
N TYR D 217 -0.35 23.86 -22.78
CA TYR D 217 -1.08 24.99 -22.25
C TYR D 217 -1.56 25.85 -23.40
N PRO D 218 -2.61 26.64 -23.18
CA PRO D 218 -3.14 27.47 -24.26
C PRO D 218 -2.44 28.81 -24.36
N THR D 219 -2.28 29.27 -25.59
N THR D 219 -2.27 29.27 -25.60
CA THR D 219 -1.69 30.57 -25.88
CA THR D 219 -1.70 30.56 -25.90
C THR D 219 -2.80 31.61 -25.91
C THR D 219 -2.83 31.60 -25.88
N VAL D 220 -2.77 32.55 -24.96
CA VAL D 220 -3.82 33.55 -24.91
C VAL D 220 -3.35 34.94 -25.34
C ACE E 1 11.63 9.51 30.78
O ACE E 1 12.46 9.01 30.00
CH3 ACE E 1 11.38 10.98 30.83
H1 ACE E 1 12.23 11.54 31.23
H2 ACE E 1 11.17 11.42 29.86
H3 ACE E 1 10.53 11.24 31.47
N LEU E 2 10.90 8.76 31.58
CA LEU E 2 9.47 8.63 31.44
C LEU E 2 8.81 9.07 30.12
N LEU E 3 8.06 8.14 29.54
CA LEU E 3 7.23 8.38 28.37
C LEU E 3 5.78 8.62 28.74
N 2DO E 4 5.08 9.37 27.88
CA 2DO E 4 3.61 9.47 27.90
C 2DO E 4 2.92 8.92 26.64
CB 2DO E 4 3.19 10.91 28.26
CG 2DO E 4 3.97 11.54 29.41
CD 2DO E 4 3.21 12.76 29.90
CE 2DO E 4 4.08 13.89 30.23
O 2DO E 4 1.50 9.07 26.82
H 2DO E 4 5.52 9.91 27.15
HA 2DO E 4 3.23 8.80 28.67
HB2 2DO E 4 2.12 10.93 28.50
HB3 2DO E 4 3.27 11.54 27.38
HG2 2DO E 4 4.97 11.82 29.10
HG3 2DO E 4 4.12 10.83 30.21
HD2 2DO E 4 2.49 13.07 29.15
HD3 2DO E 4 2.60 12.49 30.77
HE1 2DO E 4 4.50 13.79 31.23
HE2 2DO E 4 3.55 14.83 30.20
HE3 2DO E 4 4.92 13.97 29.54
HO 2DO E 4 1.09 8.89 25.95
C ACE F 1 20.85 -8.44 4.25
O ACE F 1 20.55 -8.33 5.43
CH3 ACE F 1 19.87 -8.15 3.15
H1 ACE F 1 18.87 -7.89 3.53
H2 ACE F 1 20.18 -7.32 2.52
H3 ACE F 1 19.73 -9.00 2.49
N LEU F 2 22.08 -8.81 3.86
CA LEU F 2 22.59 -8.57 2.53
C LEU F 2 22.56 -9.90 1.77
N LEU F 3 22.73 -9.82 0.44
CA LEU F 3 22.77 -10.99 -0.41
C LEU F 3 24.19 -11.33 -0.86
N 2DO F 4 24.47 -12.63 -1.07
CA 2DO F 4 25.66 -13.06 -1.81
C 2DO F 4 25.43 -13.70 -3.17
CB 2DO F 4 26.54 -13.96 -0.94
CG 2DO F 4 26.84 -13.33 0.42
CD 2DO F 4 27.72 -14.17 1.34
CE 2DO F 4 29.17 -13.73 1.30
O 2DO F 4 26.67 -13.85 -3.83
H 2DO F 4 23.87 -13.37 -0.73
HA 2DO F 4 26.16 -12.13 -2.05
HB2 2DO F 4 27.47 -14.19 -1.47
HB3 2DO F 4 26.06 -14.93 -0.81
HG2 2DO F 4 25.91 -13.12 0.92
HG3 2DO F 4 27.31 -12.36 0.27
HD2 2DO F 4 27.36 -14.11 2.37
HD3 2DO F 4 27.64 -15.22 1.08
HE1 2DO F 4 29.32 -12.88 0.63
HE2 2DO F 4 29.82 -14.53 0.94
HE3 2DO F 4 29.53 -13.42 2.28
HO 2DO F 4 27.10 -14.66 -3.44
C ACE G 1 -26.31 -10.72 -8.73
O ACE G 1 -27.50 -11.05 -8.83
CH3 ACE G 1 -25.73 -9.60 -9.54
H1 ACE G 1 -26.45 -9.15 -10.21
H2 ACE G 1 -25.34 -8.79 -8.93
H3 ACE G 1 -24.90 -9.92 -10.16
N LEU G 2 -25.51 -11.30 -7.84
CA LEU G 2 -24.04 -11.34 -7.94
C LEU G 2 -23.32 -10.05 -7.53
N LEU G 3 -22.44 -10.19 -6.53
CA LEU G 3 -21.68 -9.09 -5.97
C LEU G 3 -20.24 -9.09 -6.46
N 2DO G 4 -19.58 -7.93 -6.37
CA 2DO G 4 -18.14 -7.81 -6.60
C 2DO G 4 -17.40 -7.21 -5.41
CB 2DO G 4 -17.87 -7.15 -7.97
CG 2DO G 4 -18.47 -7.90 -9.15
CD 2DO G 4 -18.15 -7.26 -10.49
CE 2DO G 4 -16.95 -7.89 -11.16
O 2DO G 4 -16.00 -7.41 -5.66
H 2DO G 4 -20.05 -7.06 -6.14
HA 2DO G 4 -17.69 -8.80 -6.65
HB2 2DO G 4 -16.80 -7.05 -8.12
HB3 2DO G 4 -18.24 -6.12 -7.96
HG2 2DO G 4 -19.55 -7.96 -9.03
HG3 2DO G 4 -18.15 -8.93 -9.14
HD2 2DO G 4 -19.01 -7.34 -11.16
HD3 2DO G 4 -17.98 -6.20 -10.37
HE1 2DO G 4 -16.61 -8.78 -10.64
HE2 2DO G 4 -16.11 -7.20 -11.20
HE3 2DO G 4 -17.17 -8.18 -12.19
HO 2DO G 4 -15.66 -6.54 -6.02
C ACE H 1 -6.11 9.13 -27.00
O ACE H 1 -5.80 8.35 -27.89
CH3 ACE H 1 -5.24 10.30 -26.63
H1 ACE H 1 -4.24 10.24 -27.09
H2 ACE H 1 -5.66 11.25 -26.96
H3 ACE H 1 -5.07 10.39 -25.57
N LEU H 2 -7.21 8.95 -26.26
CA LEU H 2 -7.94 10.03 -25.62
C LEU H 2 -7.88 9.78 -24.12
N LEU H 3 -8.25 10.80 -23.33
CA LEU H 3 -8.12 10.83 -21.89
C LEU H 3 -9.51 10.96 -21.26
N 2DO H 4 -9.68 10.49 -20.03
CA 2DO H 4 -10.93 10.70 -19.30
C 2DO H 4 -10.86 11.24 -17.88
CB 2DO H 4 -11.73 9.41 -19.21
CG 2DO H 4 -11.74 8.60 -20.48
CD 2DO H 4 -12.81 7.52 -20.43
CE 2DO H 4 -13.79 7.62 -21.54
O 2DO H 4 -12.10 11.65 -17.43
H 2DO H 4 -8.95 9.96 -19.54
HA 2DO H 4 -11.39 11.48 -19.89
HB2 2DO H 4 -12.76 9.63 -18.92
HB3 2DO H 4 -11.36 8.80 -18.39
HG2 2DO H 4 -10.77 8.15 -20.65
HG3 2DO H 4 -11.90 9.24 -21.35
HD2 2DO H 4 -12.36 6.53 -20.43
HD3 2DO H 4 -13.34 7.58 -19.48
HE1 2DO H 4 -13.95 8.66 -21.85
HE2 2DO H 4 -14.77 7.21 -21.27
HE3 2DO H 4 -13.45 7.07 -22.42
HO 2DO H 4 -12.13 11.44 -16.46
C1 PGE I . -13.01 -2.00 38.09
O1 PGE I . -14.31 -1.95 38.64
C2 PGE I . -12.04 -2.33 39.20
O2 PGE I . -11.18 -3.35 38.74
C3 PGE I . -10.69 -4.22 39.75
C4 PGE I . -11.72 -5.26 40.10
O4 PGE I . -14.29 -7.67 37.79
C6 PGE I . -13.95 -6.98 38.98
C5 PGE I . -12.55 -7.37 39.41
O3 PGE I . -11.64 -6.31 39.17
H1 PGE I . -12.92 -2.77 37.31
H12 PGE I . -12.70 -1.04 37.65
HO1 PGE I . -14.51 -2.81 39.01
H2 PGE I . -11.47 -1.44 39.49
H22 PGE I . -12.60 -2.67 40.10
H3 PGE I . -9.78 -4.73 39.39
H32 PGE I . -10.43 -3.65 40.65
H4 PGE I . -11.53 -5.63 41.13
H42 PGE I . -12.72 -4.80 40.09
HO4 PGE I . -14.85 -7.08 37.27
H6 PGE I . -14.65 -7.24 39.80
H62 PGE I . -13.99 -5.89 38.84
H5 PGE I . -12.25 -8.27 38.85
H52 PGE I . -12.57 -7.63 40.48
NA NA J . -8.91 8.40 17.48
NA NA K . 32.17 6.02 -7.89
NA NA L . 17.29 6.67 -4.98
C1 PEG M . -14.10 -18.61 22.90
O1 PEG M . -14.53 -17.24 22.88
C2 PEG M . -14.97 -19.48 22.05
O2 PEG M . -15.05 -20.79 22.62
C3 PEG M . -14.09 -21.72 22.16
C4 PEG M . -13.61 -22.62 23.28
O4 PEG M . -12.61 -22.02 24.06
H11 PEG M . -13.07 -18.66 22.55
H12 PEG M . -14.11 -18.98 23.93
HO1 PEG M . -15.06 -17.09 23.72
H21 PEG M . -15.96 -19.03 21.95
H22 PEG M . -14.56 -19.53 21.04
H31 PEG M . -14.51 -22.32 21.36
H32 PEG M . -13.24 -21.19 21.73
H41 PEG M . -14.40 -22.90 23.98
H42 PEG M . -13.17 -23.56 22.93
HO4 PEG M . -11.78 -22.03 23.54
C1 PEG N . -24.34 16.81 -12.06
O1 PEG N . -25.44 17.72 -11.94
C2 PEG N . -23.04 17.53 -12.07
O2 PEG N . -22.49 17.44 -10.75
C3 PEG N . -21.15 16.98 -10.69
C4 PEG N . -20.75 16.90 -9.23
O4 PEG N . -20.60 15.57 -8.80
H11 PEG N . -24.37 16.10 -11.24
H12 PEG N . -24.45 16.24 -12.99
HO1 PEG N . -25.14 18.47 -11.37
H21 PEG N . -22.36 17.11 -12.81
H22 PEG N . -23.18 18.58 -12.35
H31 PEG N . -21.05 16.01 -11.18
H32 PEG N . -20.48 17.66 -11.24
H41 PEG N . -19.80 17.37 -9.02
H42 PEG N . -21.48 17.34 -8.56
HO4 PEG N . -20.71 15.56 -7.82
C1 PEG O . -12.93 5.97 -11.39
O1 PEG O . -12.71 4.58 -11.13
C2 PEG O . -13.74 6.63 -10.32
O2 PEG O . -13.23 7.96 -10.13
C3 PEG O . -14.05 8.95 -10.72
C4 PEG O . -13.83 8.99 -12.21
O4 PEG O . -15.01 9.31 -12.93
H11 PEG O . -11.97 6.48 -11.48
H12 PEG O . -13.44 6.08 -12.35
HO1 PEG O . -13.47 4.07 -11.51
H21 PEG O . -14.79 6.67 -10.60
H22 PEG O . -13.69 6.06 -9.40
H31 PEG O . -15.11 8.75 -10.49
H32 PEG O . -13.85 9.93 -10.27
H41 PEG O . -13.09 9.73 -12.52
H42 PEG O . -13.50 8.04 -12.62
HO4 PEG O . -14.89 8.97 -13.85
NA NA P . -4.03 25.69 -33.10
#